data_4GOL
#
_entry.id   4GOL
#
_cell.length_a   160.970
_cell.length_b   160.970
_cell.length_c   96.029
_cell.angle_alpha   90.00
_cell.angle_beta   90.00
_cell.angle_gamma   120.00
#
_symmetry.space_group_name_H-M   'P 31 2 1'
#
loop_
_entity.id
_entity.type
_entity.pdbx_description
1 polymer 'DNA adenine methylase'
2 non-polymer "S-5'-AZAMETHIONINE-5'-DEOXYADENOSINE"
3 water water
#
_entity_poly.entity_id   1
_entity_poly.type   'polypeptide(L)'
_entity_poly.pdbx_seq_one_letter_code
;MKKNRAFLKWAGGKYPLLDDIKRHLPKGECLVEPFVGAGSVFLNTDFSRYILADINSDLISLYNIVKMRTDEYVQAAREL
FVPETNCAEVYYQFREEFNKSQDPFRRAVLFLYLNRYGYNGLCRYNLRGEFNVPFGRYKKPYFPEAELYHFAEKAQNAFF
YCESYADSMARADDASVVYCDPPYAPLSATANFTAYHTNSFTLEQQAHLAEIAEGLVERHIPVLISNHDTMLTREWYQRA
KLHVVKVRRSISSNGGTRKKVDELLALYKPGVVSPAKK
;
_entity_poly.pdbx_strand_id   D,E,F
#
loop_
_chem_comp.id
_chem_comp.type
_chem_comp.name
_chem_comp.formula
SA8 non-polymer S-5'-AZAMETHIONINE-5'-DEOXYADENOSINE 'C15 H23 N7 O5'
#
# COMPACT_ATOMS: atom_id res chain seq x y z
N LYS A 3 -35.20 -7.44 -2.49
CA LYS A 3 -34.02 -6.58 -2.14
C LYS A 3 -34.43 -5.14 -1.86
N ASN A 4 -34.90 -4.85 -0.64
CA ASN A 4 -35.25 -3.48 -0.20
C ASN A 4 -34.04 -2.61 0.06
N ARG A 5 -33.97 -1.45 -0.57
CA ARG A 5 -32.79 -0.60 -0.55
C ARG A 5 -32.79 0.24 0.77
N ALA A 6 -31.60 0.49 1.31
CA ALA A 6 -31.38 1.41 2.45
C ALA A 6 -31.48 2.92 2.04
N PHE A 7 -32.13 3.77 2.81
CA PHE A 7 -32.14 5.19 2.44
C PHE A 7 -30.80 5.95 2.47
N LEU A 8 -29.83 5.44 3.25
CA LEU A 8 -28.50 6.05 3.29
C LEU A 8 -27.50 5.34 2.42
N LYS A 9 -26.57 6.06 1.82
CA LYS A 9 -25.33 5.40 1.41
C LYS A 9 -24.43 5.27 2.66
N TRP A 10 -23.80 4.13 2.79
CA TRP A 10 -23.06 3.81 3.97
C TRP A 10 -22.25 2.60 3.70
N ALA A 11 -20.97 2.64 4.13
CA ALA A 11 -20.10 1.46 3.96
C ALA A 11 -20.88 0.18 4.42
N GLY A 12 -20.79 -0.94 3.68
CA GLY A 12 -19.96 -1.15 2.46
C GLY A 12 -19.50 -0.02 1.48
N GLY A 13 -20.40 0.42 0.58
CA GLY A 13 -21.66 -0.30 0.34
C GLY A 13 -21.24 -1.50 -0.48
N LYS A 14 -22.10 -2.01 -1.37
CA LYS A 14 -23.57 -1.84 -1.39
C LYS A 14 -24.05 -3.11 -2.06
N TYR A 15 -24.31 -4.12 -1.25
CA TYR A 15 -24.33 -5.50 -1.71
C TYR A 15 -24.84 -6.46 -0.63
N PRO A 16 -24.46 -6.18 0.65
CA PRO A 16 -23.94 -7.07 1.72
C PRO A 16 -23.98 -8.61 1.50
N LEU A 17 -23.84 -9.09 0.27
CA LEU A 17 -23.82 -10.51 0.03
C LEU A 17 -24.99 -11.15 0.87
N LEU A 18 -26.09 -10.39 0.94
CA LEU A 18 -27.25 -10.70 1.79
C LEU A 18 -27.71 -12.13 1.75
N ASP A 19 -27.56 -12.77 0.60
CA ASP A 19 -28.11 -14.08 0.43
C ASP A 19 -27.30 -15.03 1.26
N ASP A 20 -25.98 -14.84 1.22
CA ASP A 20 -25.06 -15.70 1.97
C ASP A 20 -25.25 -15.53 3.48
N ILE A 21 -25.50 -14.29 3.92
CA ILE A 21 -25.82 -14.02 5.31
C ILE A 21 -27.09 -14.70 5.76
N LYS A 22 -28.14 -14.59 4.95
CA LYS A 22 -29.44 -15.16 5.31
C LYS A 22 -29.38 -16.67 5.26
N ARG A 23 -28.59 -17.20 4.32
CA ARG A 23 -28.28 -18.62 4.32
C ARG A 23 -27.83 -19.10 5.70
N HIS A 24 -26.82 -18.46 6.31
CA HIS A 24 -26.32 -19.00 7.57
C HIS A 24 -26.89 -18.40 8.82
N LEU A 25 -27.81 -17.43 8.68
CA LEU A 25 -28.32 -16.68 9.83
C LEU A 25 -29.45 -17.42 10.49
N PRO A 26 -29.27 -17.89 11.73
CA PRO A 26 -30.23 -18.72 12.47
C PRO A 26 -31.50 -17.95 12.75
N LYS A 27 -32.50 -18.61 13.36
CA LYS A 27 -33.77 -17.90 13.63
C LYS A 27 -34.09 -17.73 15.12
N GLY A 28 -34.89 -16.71 15.40
CA GLY A 28 -35.26 -16.39 16.76
C GLY A 28 -36.31 -15.31 16.74
N GLU A 29 -36.63 -14.79 17.92
CA GLU A 29 -37.59 -13.72 18.02
C GLU A 29 -37.01 -12.35 17.69
N CYS A 30 -35.74 -12.15 18.06
CA CYS A 30 -35.15 -10.82 18.09
C CYS A 30 -33.81 -10.82 17.42
N LEU A 31 -33.58 -9.80 16.59
CA LEU A 31 -32.26 -9.68 15.99
C LEU A 31 -31.50 -8.47 16.56
N VAL A 32 -30.28 -8.74 17.04
CA VAL A 32 -29.38 -7.71 17.59
C VAL A 32 -28.31 -7.42 16.58
N GLU A 33 -28.22 -6.17 16.09
CA GLU A 33 -27.05 -5.72 15.31
C GLU A 33 -26.28 -4.61 16.07
N PRO A 34 -25.09 -4.95 16.56
CA PRO A 34 -24.19 -3.97 17.21
C PRO A 34 -23.51 -3.02 16.20
N PHE A 35 -23.47 -3.36 14.92
CA PHE A 35 -22.92 -2.43 13.94
C PHE A 35 -23.96 -2.14 12.80
N VAL A 36 -25.14 -1.60 13.13
CA VAL A 36 -26.26 -1.53 12.17
C VAL A 36 -25.85 -0.86 10.83
N GLY A 37 -25.20 0.30 10.94
CA GLY A 37 -24.72 1.01 9.74
C GLY A 37 -25.96 1.36 8.95
N ALA A 38 -26.02 0.89 7.70
CA ALA A 38 -27.09 1.31 6.78
C ALA A 38 -28.29 0.44 7.01
N GLY A 39 -28.17 -0.67 7.69
CA GLY A 39 -29.39 -1.39 7.93
C GLY A 39 -29.80 -2.46 6.88
N SER A 40 -29.00 -2.70 5.83
CA SER A 40 -29.33 -3.77 4.88
C SER A 40 -29.98 -4.99 5.47
N VAL A 41 -29.41 -5.55 6.54
CA VAL A 41 -29.87 -6.82 7.10
C VAL A 41 -31.19 -6.65 7.82
N PHE A 42 -31.27 -5.61 8.65
CA PHE A 42 -32.50 -5.24 9.33
C PHE A 42 -33.60 -5.18 8.26
N LEU A 43 -33.38 -4.34 7.24
CA LEU A 43 -34.33 -4.09 6.18
C LEU A 43 -34.73 -5.30 5.34
N ASN A 44 -33.94 -6.38 5.33
CA ASN A 44 -34.24 -7.51 4.46
C ASN A 44 -34.52 -8.85 5.19
N THR A 45 -35.07 -8.78 6.40
CA THR A 45 -35.29 -10.00 7.20
C THR A 45 -36.60 -9.87 7.88
N ASP A 46 -37.12 -10.96 8.43
CA ASP A 46 -38.42 -10.86 9.08
C ASP A 46 -38.50 -11.14 10.60
N PHE A 47 -37.64 -10.52 11.39
CA PHE A 47 -37.67 -10.82 12.83
C PHE A 47 -38.86 -10.14 13.46
N SER A 48 -39.41 -10.82 14.43
CA SER A 48 -40.48 -10.25 15.18
C SER A 48 -40.01 -8.91 15.78
N ARG A 49 -38.72 -8.80 16.11
CA ARG A 49 -38.19 -7.52 16.63
C ARG A 49 -36.67 -7.38 16.56
N TYR A 50 -36.21 -6.15 16.80
CA TYR A 50 -34.83 -5.76 16.52
C TYR A 50 -34.26 -4.86 17.58
N ILE A 51 -32.98 -5.10 17.85
CA ILE A 51 -32.15 -4.19 18.65
C ILE A 51 -30.96 -3.77 17.82
N LEU A 52 -30.80 -2.48 17.69
CA LEU A 52 -29.96 -1.95 16.61
C LEU A 52 -29.10 -0.81 17.19
N ALA A 53 -27.81 -0.89 16.91
CA ALA A 53 -26.91 -0.11 17.71
C ALA A 53 -25.69 0.25 16.89
N ASP A 54 -25.04 1.35 17.27
CA ASP A 54 -23.90 1.86 16.51
C ASP A 54 -23.24 2.95 17.36
N ILE A 55 -21.94 3.12 17.19
CA ILE A 55 -21.22 4.17 17.93
C ILE A 55 -21.49 5.55 17.34
N ASN A 56 -21.86 5.63 16.06
CA ASN A 56 -22.04 6.93 15.43
C ASN A 56 -23.34 7.63 15.92
N SER A 57 -23.24 8.72 16.65
CA SER A 57 -24.45 9.21 17.27
C SER A 57 -25.33 9.99 16.28
N ASP A 58 -24.74 10.52 15.20
CA ASP A 58 -25.51 11.19 14.13
C ASP A 58 -26.42 10.20 13.45
N LEU A 59 -25.98 8.96 13.30
CA LEU A 59 -26.75 7.90 12.67
C LEU A 59 -27.93 7.51 13.52
N ILE A 60 -27.71 7.38 14.84
CA ILE A 60 -28.73 6.79 15.68
C ILE A 60 -29.81 7.77 15.92
N SER A 61 -29.42 9.01 16.15
CA SER A 61 -30.33 10.15 16.35
C SER A 61 -31.27 10.27 15.11
N LEU A 62 -30.71 10.36 13.88
CA LEU A 62 -31.45 10.26 12.62
C LEU A 62 -32.48 9.09 12.64
N TYR A 63 -32.02 7.90 12.97
CA TYR A 63 -32.88 6.72 12.94
C TYR A 63 -34.03 6.85 13.97
N ASN A 64 -33.78 7.46 15.13
CA ASN A 64 -34.89 7.61 16.03
C ASN A 64 -35.87 8.62 15.47
N ILE A 65 -35.39 9.68 14.84
CA ILE A 65 -36.26 10.69 14.26
C ILE A 65 -37.16 10.18 13.09
N VAL A 66 -36.59 9.40 12.17
CA VAL A 66 -37.32 8.72 11.11
C VAL A 66 -38.37 7.78 11.72
N LYS A 67 -37.97 7.04 12.74
CA LYS A 67 -38.92 6.18 13.44
C LYS A 67 -40.10 6.96 14.13
N MET A 68 -39.82 8.08 14.83
CA MET A 68 -40.88 8.71 15.66
C MET A 68 -41.56 9.85 14.95
N ARG A 69 -40.87 10.56 14.06
CA ARG A 69 -41.51 11.71 13.38
C ARG A 69 -41.55 11.59 11.84
N THR A 70 -41.96 10.43 11.34
CA THR A 70 -41.82 10.14 9.90
C THR A 70 -42.21 11.23 8.93
N ASP A 71 -43.47 11.65 8.99
CA ASP A 71 -44.02 12.64 8.01
C ASP A 71 -43.35 13.99 8.12
N GLU A 72 -43.29 14.48 9.34
CA GLU A 72 -42.57 15.68 9.65
C GLU A 72 -41.13 15.65 9.04
N TYR A 73 -40.43 14.54 9.24
CA TYR A 73 -39.05 14.42 8.75
C TYR A 73 -38.96 14.38 7.24
N VAL A 74 -39.80 13.55 6.61
CA VAL A 74 -39.79 13.41 5.14
C VAL A 74 -40.07 14.74 4.52
N GLN A 75 -41.03 15.48 5.05
CA GLN A 75 -41.31 16.75 4.41
C GLN A 75 -40.15 17.74 4.59
N ALA A 76 -39.57 17.90 5.79
CA ALA A 76 -38.43 18.85 5.94
C ALA A 76 -37.17 18.46 5.14
N ALA A 77 -36.93 17.16 4.96
CA ALA A 77 -35.73 16.71 4.23
C ALA A 77 -35.92 16.90 2.73
N ARG A 78 -37.17 16.76 2.26
CA ARG A 78 -37.47 16.88 0.81
C ARG A 78 -37.10 18.28 0.32
N GLU A 79 -37.33 19.28 1.14
CA GLU A 79 -37.01 20.67 0.79
C GLU A 79 -35.51 20.89 0.39
N LEU A 80 -34.57 20.14 1.00
CA LEU A 80 -33.17 20.29 0.60
C LEU A 80 -32.85 19.58 -0.73
N PHE A 81 -33.79 18.80 -1.27
CA PHE A 81 -33.51 18.15 -2.54
C PHE A 81 -33.91 18.92 -3.80
N VAL A 82 -34.10 20.22 -3.72
CA VAL A 82 -34.55 20.96 -4.87
C VAL A 82 -33.31 21.42 -5.64
N PRO A 83 -33.44 21.62 -6.97
CA PRO A 83 -32.25 21.89 -7.77
C PRO A 83 -31.47 23.15 -7.33
N GLU A 84 -32.10 24.05 -6.60
CA GLU A 84 -31.40 25.25 -6.05
C GLU A 84 -30.29 24.99 -5.01
N THR A 85 -30.13 23.77 -4.52
CA THR A 85 -29.25 23.46 -3.44
C THR A 85 -28.15 22.66 -4.05
N ASN A 86 -28.15 22.51 -5.37
CA ASN A 86 -27.12 21.63 -5.98
C ASN A 86 -25.94 22.40 -6.59
N CYS A 87 -25.19 23.08 -5.74
CA CYS A 87 -23.97 23.78 -6.11
C CYS A 87 -23.12 23.84 -4.81
N ALA A 88 -21.81 24.03 -5.00
CA ALA A 88 -20.84 24.18 -3.92
C ALA A 88 -21.21 25.23 -2.91
N GLU A 89 -21.66 26.39 -3.37
CA GLU A 89 -21.96 27.49 -2.44
C GLU A 89 -22.90 26.96 -1.38
N VAL A 90 -23.94 26.22 -1.76
CA VAL A 90 -24.95 25.75 -0.81
C VAL A 90 -24.45 24.54 0.03
N TYR A 91 -23.71 23.64 -0.61
CA TYR A 91 -23.20 22.50 0.11
C TYR A 91 -22.35 22.94 1.35
N TYR A 92 -21.32 23.73 1.14
CA TYR A 92 -20.50 24.31 2.24
C TYR A 92 -21.32 25.10 3.26
N GLN A 93 -22.26 25.93 2.86
CA GLN A 93 -23.11 26.54 3.86
C GLN A 93 -23.88 25.52 4.72
N PHE A 94 -24.44 24.47 4.09
CA PHE A 94 -25.22 23.46 4.83
C PHE A 94 -24.31 22.67 5.77
N ARG A 95 -23.10 22.37 5.29
CA ARG A 95 -22.13 21.69 6.15
C ARG A 95 -21.81 22.54 7.42
N GLU A 96 -21.55 23.81 7.21
CA GLU A 96 -21.35 24.70 8.32
C GLU A 96 -22.56 24.77 9.20
N GLU A 97 -23.74 24.93 8.60
CA GLU A 97 -24.93 24.97 9.44
C GLU A 97 -25.01 23.68 10.30
N PHE A 98 -24.65 22.53 9.73
CA PHE A 98 -24.83 21.28 10.47
C PHE A 98 -23.80 21.23 11.62
N ASN A 99 -22.53 21.50 11.27
CA ASN A 99 -21.48 21.54 12.30
C ASN A 99 -21.75 22.53 13.44
N LYS A 100 -22.58 23.55 13.23
CA LYS A 100 -22.91 24.54 14.29
C LYS A 100 -24.24 24.35 15.00
N SER A 101 -25.04 23.39 14.60
CA SER A 101 -26.38 23.30 15.13
C SER A 101 -26.41 22.44 16.36
N GLN A 102 -27.35 22.71 17.25
CA GLN A 102 -27.48 21.92 18.46
C GLN A 102 -28.92 21.40 18.49
N ASP A 103 -29.64 21.59 17.38
CA ASP A 103 -30.97 21.01 17.26
C ASP A 103 -30.89 19.62 16.56
N PRO A 104 -31.28 18.54 17.29
CA PRO A 104 -31.16 17.24 16.68
C PRO A 104 -31.97 17.11 15.42
N PHE A 105 -33.19 17.60 15.39
CA PHE A 105 -34.07 17.49 14.20
C PHE A 105 -33.45 18.16 12.96
N ARG A 106 -33.10 19.43 13.05
CA ARG A 106 -32.36 20.10 11.97
C ARG A 106 -31.07 19.34 11.47
N ARG A 107 -30.26 18.87 12.40
CA ARG A 107 -29.08 18.03 12.07
C ARG A 107 -29.47 16.75 11.30
N ALA A 108 -30.53 16.08 11.74
CA ALA A 108 -30.99 14.86 11.07
C ALA A 108 -31.43 15.17 9.61
N VAL A 109 -31.95 16.40 9.40
CA VAL A 109 -32.41 16.83 8.12
C VAL A 109 -31.22 17.16 7.22
N LEU A 110 -30.22 17.87 7.74
CA LEU A 110 -29.01 18.19 6.96
C LEU A 110 -28.10 16.97 6.68
N PHE A 111 -28.13 15.98 7.55
CA PHE A 111 -27.25 14.76 7.44
C PHE A 111 -27.67 14.00 6.16
N LEU A 112 -28.98 13.86 5.93
CA LEU A 112 -29.49 13.29 4.67
C LEU A 112 -28.94 14.06 3.43
N TYR A 113 -29.00 15.39 3.50
CA TYR A 113 -28.47 16.17 2.38
C TYR A 113 -26.97 15.87 2.18
N LEU A 114 -26.20 15.83 3.29
CA LEU A 114 -24.75 15.68 3.25
C LEU A 114 -24.43 14.27 2.78
N ASN A 115 -25.21 13.31 3.29
CA ASN A 115 -25.06 11.95 2.78
C ASN A 115 -25.20 11.84 1.27
N ARG A 116 -26.09 12.65 0.65
CA ARG A 116 -26.49 12.39 -0.76
C ARG A 116 -25.89 13.32 -1.76
N TYR A 117 -25.35 14.43 -1.24
CA TYR A 117 -24.65 15.43 -2.04
C TYR A 117 -23.12 15.49 -1.82
N GLY A 118 -22.61 14.76 -0.82
CA GLY A 118 -21.21 14.85 -0.52
C GLY A 118 -20.40 13.81 -1.29
N TYR A 119 -19.09 14.00 -1.29
CA TYR A 119 -18.13 13.14 -1.99
C TYR A 119 -18.22 11.65 -1.68
N ASN A 120 -18.51 10.86 -2.71
CA ASN A 120 -18.61 9.41 -2.60
C ASN A 120 -19.49 8.89 -1.44
N GLY A 121 -20.44 9.65 -0.93
CA GLY A 121 -21.29 9.11 0.13
C GLY A 121 -20.64 8.87 1.50
N LEU A 122 -19.39 9.35 1.67
CA LEU A 122 -18.63 9.16 2.90
C LEU A 122 -19.26 9.85 4.12
N CYS A 123 -18.99 9.33 5.31
CA CYS A 123 -19.30 10.03 6.55
C CYS A 123 -17.97 10.13 7.37
N ARG A 124 -17.34 11.30 7.38
CA ARG A 124 -16.04 11.49 8.04
C ARG A 124 -15.98 12.76 8.87
N TYR A 125 -15.19 12.78 9.93
CA TYR A 125 -15.11 13.94 10.84
C TYR A 125 -13.65 14.37 11.01
N ASN A 126 -13.34 15.66 11.14
CA ASN A 126 -11.92 16.04 11.43
C ASN A 126 -11.51 15.95 12.98
N LEU A 127 -10.33 16.42 13.34
CA LEU A 127 -9.88 16.23 14.74
C LEU A 127 -10.65 17.11 15.73
N ARG A 128 -11.36 18.11 15.21
CA ARG A 128 -12.30 18.86 16.02
C ARG A 128 -13.70 18.28 16.05
N GLY A 129 -13.94 17.07 15.54
CA GLY A 129 -15.33 16.56 15.55
C GLY A 129 -16.30 17.12 14.44
N GLU A 130 -15.88 18.08 13.61
CA GLU A 130 -16.71 18.53 12.51
C GLU A 130 -16.82 17.58 11.29
N PHE A 131 -18.04 17.49 10.75
CA PHE A 131 -18.27 16.70 9.53
C PHE A 131 -17.45 17.38 8.47
N ASN A 132 -16.59 16.64 7.80
CA ASN A 132 -15.63 17.24 6.89
C ASN A 132 -15.57 16.66 5.45
N VAL A 133 -16.60 15.95 4.99
CA VAL A 133 -16.66 15.49 3.59
C VAL A 133 -16.88 16.65 2.63
N PRO A 134 -16.08 16.76 1.56
CA PRO A 134 -16.33 17.88 0.61
C PRO A 134 -17.54 17.62 -0.40
N PHE A 135 -17.76 18.53 -1.34
CA PHE A 135 -18.81 18.45 -2.36
C PHE A 135 -18.62 17.34 -3.39
N GLY A 136 -19.67 16.52 -3.56
CA GLY A 136 -19.58 15.36 -4.44
C GLY A 136 -19.75 15.73 -5.89
N ARG A 137 -20.18 16.96 -6.18
CA ARG A 137 -20.64 17.34 -7.56
C ARG A 137 -21.51 16.29 -8.34
N TYR A 138 -22.42 15.59 -7.68
CA TYR A 138 -23.35 14.74 -8.45
C TYR A 138 -24.35 15.49 -9.39
N LYS A 139 -24.52 14.92 -10.58
CA LYS A 139 -25.49 15.35 -11.59
C LYS A 139 -26.94 15.41 -11.04
N LYS A 140 -27.48 14.37 -10.40
CA LYS A 140 -28.93 14.40 -10.02
C LYS A 140 -29.24 13.45 -8.85
N PRO A 141 -28.97 13.91 -7.63
CA PRO A 141 -29.12 13.06 -6.43
C PRO A 141 -30.56 12.63 -6.23
N TYR A 142 -30.70 11.36 -5.92
CA TYR A 142 -31.94 10.71 -5.68
C TYR A 142 -32.38 11.06 -4.27
N PHE A 143 -33.65 11.42 -4.07
CA PHE A 143 -34.18 11.62 -2.74
C PHE A 143 -34.89 10.31 -2.27
N PRO A 144 -34.42 9.67 -1.19
CA PRO A 144 -34.90 8.30 -0.96
C PRO A 144 -36.24 8.22 -0.24
N GLU A 145 -37.26 8.77 -0.88
CA GLU A 145 -38.60 8.84 -0.24
C GLU A 145 -39.28 7.48 0.10
N ALA A 146 -39.34 6.55 -0.86
CA ALA A 146 -39.87 5.21 -0.59
C ALA A 146 -39.05 4.45 0.46
N GLU A 147 -37.71 4.53 0.34
CA GLU A 147 -36.80 3.92 1.33
C GLU A 147 -36.99 4.50 2.71
N LEU A 148 -37.17 5.84 2.79
CA LEU A 148 -37.56 6.45 4.08
C LEU A 148 -38.77 5.76 4.65
N TYR A 149 -39.90 5.72 3.93
CA TYR A 149 -41.11 5.18 4.55
C TYR A 149 -40.98 3.69 4.89
N HIS A 150 -40.34 2.88 4.06
CA HIS A 150 -40.13 1.50 4.43
C HIS A 150 -39.30 1.38 5.73
N PHE A 151 -38.29 2.26 5.87
CA PHE A 151 -37.42 2.19 7.02
C PHE A 151 -38.29 2.45 8.27
N ALA A 152 -39.05 3.56 8.23
CA ALA A 152 -39.97 3.89 9.33
C ALA A 152 -40.99 2.82 9.67
N GLU A 153 -41.48 2.12 8.68
CA GLU A 153 -42.56 1.18 8.96
C GLU A 153 -41.93 0.00 9.70
N LYS A 154 -40.83 -0.50 9.16
CA LYS A 154 -40.04 -1.56 9.77
C LYS A 154 -39.44 -1.20 11.16
N ALA A 155 -39.16 0.09 11.37
CA ALA A 155 -38.60 0.52 12.64
C ALA A 155 -39.59 0.39 13.79
N GLN A 156 -40.84 -0.01 13.49
CA GLN A 156 -41.89 0.10 14.54
C GLN A 156 -41.63 -0.98 15.59
N ASN A 157 -40.86 -1.96 15.16
CA ASN A 157 -40.52 -3.12 15.90
C ASN A 157 -39.08 -3.06 16.32
N ALA A 158 -38.51 -1.87 16.44
CA ALA A 158 -37.08 -1.78 16.62
C ALA A 158 -36.70 -0.74 17.65
N PHE A 159 -35.70 -1.03 18.48
CA PHE A 159 -35.08 0.03 19.29
C PHE A 159 -33.70 0.38 18.78
N PHE A 160 -33.33 1.64 18.89
CA PHE A 160 -32.02 2.09 18.47
C PHE A 160 -31.20 2.65 19.61
N TYR A 161 -29.92 2.30 19.64
CA TYR A 161 -29.06 2.72 20.71
C TYR A 161 -27.74 3.19 20.17
N CYS A 162 -27.29 4.34 20.68
CA CYS A 162 -25.92 4.78 20.41
C CYS A 162 -25.00 4.31 21.56
N GLU A 163 -24.24 3.26 21.31
CA GLU A 163 -23.41 2.57 22.35
C GLU A 163 -22.48 1.56 21.61
N SER A 164 -21.37 1.21 22.26
CA SER A 164 -20.32 0.35 21.72
C SER A 164 -20.79 -1.11 21.73
N TYR A 165 -20.14 -1.96 20.92
CA TYR A 165 -20.59 -3.34 20.70
C TYR A 165 -20.69 -4.17 21.97
N ALA A 166 -19.81 -3.95 22.96
CA ALA A 166 -19.97 -4.74 24.19
C ALA A 166 -21.29 -4.46 24.89
N ASP A 167 -21.67 -3.19 24.99
CA ASP A 167 -22.99 -2.86 25.60
C ASP A 167 -24.23 -3.36 24.81
N SER A 168 -24.21 -3.26 23.48
CA SER A 168 -25.37 -3.67 22.72
C SER A 168 -25.49 -5.20 22.78
N MET A 169 -24.36 -5.89 22.59
CA MET A 169 -24.29 -7.37 22.76
C MET A 169 -24.76 -7.92 24.10
N ALA A 170 -24.65 -7.17 25.21
CA ALA A 170 -25.23 -7.57 26.54
C ALA A 170 -26.77 -7.48 26.63
N ARG A 171 -27.42 -7.03 25.56
CA ARG A 171 -28.88 -6.98 25.68
C ARG A 171 -29.46 -8.24 25.10
N ALA A 172 -28.64 -9.05 24.44
CA ALA A 172 -29.18 -10.25 23.84
C ALA A 172 -29.69 -11.15 24.98
N ASP A 173 -30.74 -11.91 24.68
CA ASP A 173 -31.17 -13.01 25.56
C ASP A 173 -31.41 -14.30 24.78
N ASP A 174 -31.97 -15.29 25.48
CA ASP A 174 -32.08 -16.62 24.88
C ASP A 174 -33.06 -16.62 23.72
N ALA A 175 -33.92 -15.61 23.61
CA ALA A 175 -34.69 -15.48 22.36
C ALA A 175 -34.04 -14.69 21.18
N SER A 176 -32.79 -14.24 21.30
CA SER A 176 -32.17 -13.37 20.29
C SER A 176 -31.20 -14.12 19.39
N VAL A 177 -30.94 -13.54 18.23
CA VAL A 177 -29.78 -13.87 17.41
C VAL A 177 -28.89 -12.60 17.23
N VAL A 178 -27.59 -12.79 17.05
CA VAL A 178 -26.73 -11.61 16.93
C VAL A 178 -25.98 -11.65 15.63
N TYR A 179 -26.15 -10.59 14.81
CA TYR A 179 -25.36 -10.44 13.60
C TYR A 179 -24.35 -9.25 13.60
N CYS A 180 -23.07 -9.56 13.34
CA CYS A 180 -21.99 -8.60 13.58
C CYS A 180 -21.30 -8.24 12.29
N ASP A 181 -21.35 -6.94 11.91
CA ASP A 181 -20.65 -6.43 10.73
C ASP A 181 -19.64 -5.33 11.16
N PRO A 182 -18.56 -5.70 11.87
CA PRO A 182 -17.61 -4.69 12.37
C PRO A 182 -16.84 -3.99 11.23
N PRO A 183 -16.19 -2.83 11.51
CA PRO A 183 -15.19 -2.32 10.52
C PRO A 183 -14.21 -3.43 10.17
N TYR A 184 -14.01 -3.59 8.88
CA TYR A 184 -13.20 -4.66 8.31
C TYR A 184 -11.80 -4.88 8.98
N ALA A 185 -11.38 -6.12 9.19
CA ALA A 185 -9.95 -6.43 9.41
C ALA A 185 -9.01 -5.86 8.33
N PRO A 186 -7.71 -5.70 8.62
CA PRO A 186 -6.81 -5.10 7.62
C PRO A 186 -6.40 -6.02 6.49
N LEU A 187 -5.99 -5.45 5.37
CA LEU A 187 -5.39 -6.20 4.29
C LEU A 187 -3.94 -5.79 4.06
N ASN A 199 -9.14 7.66 15.85
CA ASN A 199 -9.60 6.57 16.73
C ASN A 199 -10.39 5.44 15.99
N SER A 200 -9.77 4.86 14.96
CA SER A 200 -10.36 3.69 14.24
C SER A 200 -10.57 2.45 15.18
N PHE A 201 -11.17 1.36 14.64
CA PHE A 201 -11.50 0.13 15.41
C PHE A 201 -10.23 -0.71 15.49
N THR A 202 -9.78 -1.06 16.70
CA THR A 202 -8.44 -1.70 16.80
C THR A 202 -8.42 -3.20 16.69
N LEU A 203 -7.23 -3.75 16.46
CA LEU A 203 -7.06 -5.20 16.53
C LEU A 203 -7.49 -5.79 17.85
N GLU A 204 -7.29 -5.06 18.96
CA GLU A 204 -7.65 -5.59 20.29
C GLU A 204 -9.17 -5.67 20.36
N GLN A 205 -9.85 -4.68 19.74
CA GLN A 205 -11.33 -4.72 19.72
C GLN A 205 -11.85 -5.87 18.81
N GLN A 206 -11.16 -6.12 17.70
CA GLN A 206 -11.56 -7.20 16.81
C GLN A 206 -11.62 -8.54 17.58
N ALA A 207 -10.53 -8.87 18.25
CA ALA A 207 -10.43 -10.11 19.06
C ALA A 207 -11.40 -10.06 20.19
N HIS A 208 -11.52 -8.90 20.83
CA HIS A 208 -12.53 -8.76 21.94
C HIS A 208 -13.94 -9.21 21.49
N LEU A 209 -14.38 -8.78 20.30
CA LEU A 209 -15.70 -9.20 19.67
C LEU A 209 -15.87 -10.71 19.51
N ALA A 210 -14.86 -11.43 18.97
CA ALA A 210 -14.86 -12.94 19.02
C ALA A 210 -15.08 -13.51 20.44
N GLU A 211 -14.46 -12.91 21.43
CA GLU A 211 -14.57 -13.46 22.78
C GLU A 211 -15.93 -13.19 23.39
N ILE A 212 -16.48 -12.00 23.12
CA ILE A 212 -17.89 -11.73 23.57
C ILE A 212 -18.81 -12.77 22.89
N ALA A 213 -18.55 -13.04 21.60
CA ALA A 213 -19.26 -14.09 20.85
C ALA A 213 -19.11 -15.46 21.48
N GLU A 214 -17.90 -15.86 21.85
CA GLU A 214 -17.74 -17.19 22.54
C GLU A 214 -18.59 -17.27 23.80
N GLY A 215 -18.63 -16.20 24.58
CA GLY A 215 -19.41 -16.23 25.83
C GLY A 215 -20.89 -16.23 25.56
N LEU A 216 -21.34 -15.58 24.47
CA LEU A 216 -22.76 -15.66 24.06
C LEU A 216 -23.23 -17.07 23.64
N VAL A 217 -22.43 -17.72 22.81
CA VAL A 217 -22.88 -18.98 22.22
C VAL A 217 -22.96 -20.02 23.30
N GLU A 218 -22.24 -19.78 24.38
CA GLU A 218 -22.21 -20.73 25.43
C GLU A 218 -23.44 -20.56 26.28
N ARG A 219 -24.00 -19.33 26.32
CA ARG A 219 -25.24 -19.08 27.04
C ARG A 219 -26.41 -19.40 26.14
N HIS A 220 -26.11 -20.08 25.02
CA HIS A 220 -27.15 -20.59 24.11
C HIS A 220 -27.75 -19.51 23.19
N ILE A 221 -26.95 -18.49 22.86
CA ILE A 221 -27.41 -17.36 22.06
C ILE A 221 -26.54 -17.30 20.82
N PRO A 222 -27.11 -17.53 19.62
CA PRO A 222 -26.34 -17.59 18.36
C PRO A 222 -25.77 -16.23 17.89
N VAL A 223 -24.61 -16.29 17.24
CA VAL A 223 -23.91 -15.10 16.79
C VAL A 223 -23.33 -15.45 15.46
N LEU A 224 -23.38 -14.55 14.49
CA LEU A 224 -22.79 -14.75 13.16
C LEU A 224 -21.99 -13.49 12.91
N ILE A 225 -20.77 -13.64 12.41
CA ILE A 225 -19.91 -12.49 12.20
C ILE A 225 -19.40 -12.51 10.77
N SER A 226 -19.36 -11.37 10.07
CA SER A 226 -18.71 -11.35 8.75
C SER A 226 -17.50 -10.45 8.74
N ASN A 227 -16.50 -10.76 7.92
CA ASN A 227 -15.26 -9.98 7.85
C ASN A 227 -14.51 -10.37 6.54
N HIS A 228 -13.34 -9.77 6.22
CA HIS A 228 -12.48 -10.31 5.14
C HIS A 228 -11.96 -11.67 5.62
N ASP A 229 -11.48 -12.50 4.70
CA ASP A 229 -10.89 -13.78 5.08
C ASP A 229 -9.41 -13.53 5.14
N THR A 230 -8.83 -13.51 6.34
CA THR A 230 -7.38 -13.33 6.48
C THR A 230 -6.82 -14.17 7.60
N MET A 231 -5.48 -14.20 7.70
CA MET A 231 -4.82 -14.83 8.83
C MET A 231 -5.35 -14.36 10.16
N LEU A 232 -5.57 -13.07 10.34
CA LEU A 232 -6.08 -12.60 11.61
C LEU A 232 -7.53 -12.95 11.83
N THR A 233 -8.35 -12.90 10.77
CA THR A 233 -9.75 -13.30 11.03
C THR A 233 -9.93 -14.79 11.31
N ARG A 234 -9.19 -15.68 10.64
CA ARG A 234 -9.35 -17.13 11.00
C ARG A 234 -8.86 -17.45 12.41
N GLU A 235 -7.81 -16.73 12.84
CA GLU A 235 -7.31 -16.81 14.23
C GLU A 235 -8.36 -16.33 15.25
N TRP A 236 -8.87 -15.11 15.07
CA TRP A 236 -9.97 -14.66 15.91
C TRP A 236 -11.14 -15.57 15.83
N TYR A 237 -11.61 -15.98 14.66
CA TYR A 237 -12.86 -16.78 14.70
C TYR A 237 -12.72 -18.32 14.88
N GLN A 238 -11.52 -18.78 15.26
CA GLN A 238 -11.15 -20.21 15.29
C GLN A 238 -12.14 -21.17 15.95
N ARG A 239 -12.98 -20.70 16.86
CA ARG A 239 -13.94 -21.60 17.56
C ARG A 239 -15.38 -21.60 17.00
N ALA A 240 -15.58 -20.99 15.82
CA ALA A 240 -16.85 -20.95 15.12
C ALA A 240 -16.75 -21.85 13.90
N LYS A 241 -17.89 -22.26 13.31
CA LYS A 241 -17.89 -22.87 11.96
C LYS A 241 -17.62 -21.81 10.87
N LEU A 242 -16.56 -21.97 10.11
CA LEU A 242 -16.22 -20.99 9.11
C LEU A 242 -16.71 -21.30 7.70
N HIS A 243 -17.25 -20.33 6.98
CA HIS A 243 -17.67 -20.55 5.59
C HIS A 243 -17.01 -19.44 4.77
N VAL A 244 -16.26 -19.80 3.73
CA VAL A 244 -15.59 -18.82 2.84
C VAL A 244 -16.45 -18.47 1.63
N VAL A 245 -16.62 -17.19 1.36
CA VAL A 245 -17.43 -16.77 0.25
C VAL A 245 -16.61 -15.91 -0.68
N LYS A 246 -16.85 -16.08 -1.99
CA LYS A 246 -16.25 -15.20 -3.01
C LYS A 246 -17.28 -14.36 -3.81
N VAL A 261 -11.34 -9.70 -3.08
CA VAL A 261 -10.87 -10.34 -1.85
C VAL A 261 -12.01 -11.20 -1.24
N ASP A 262 -11.65 -12.27 -0.51
CA ASP A 262 -12.65 -13.22 0.03
C ASP A 262 -13.37 -12.73 1.31
N GLU A 263 -14.66 -13.05 1.43
CA GLU A 263 -15.38 -12.74 2.63
C GLU A 263 -15.43 -13.98 3.52
N LEU A 264 -15.65 -13.81 4.81
CA LEU A 264 -15.72 -14.95 5.70
C LEU A 264 -16.89 -14.73 6.59
N LEU A 265 -17.58 -15.82 6.93
CA LEU A 265 -18.72 -15.78 7.82
C LEU A 265 -18.48 -16.80 8.90
N ALA A 266 -18.40 -16.29 10.12
CA ALA A 266 -18.08 -17.11 11.23
C ALA A 266 -19.39 -17.33 11.92
N LEU A 267 -19.83 -18.57 11.97
CA LEU A 267 -21.06 -18.86 12.70
C LEU A 267 -20.86 -19.60 14.02
N TYR A 268 -21.39 -19.01 15.07
CA TYR A 268 -21.30 -19.59 16.43
C TYR A 268 -22.65 -20.19 16.81
N LYS A 269 -22.83 -21.48 16.53
CA LYS A 269 -24.12 -22.19 16.68
C LYS A 269 -24.17 -22.99 17.97
N PRO A 270 -25.25 -22.88 18.76
CA PRO A 270 -25.36 -23.89 19.83
C PRO A 270 -25.90 -25.21 19.29
N LYS B 3 13.44 -32.30 -11.83
CA LYS B 3 13.22 -31.02 -11.06
C LYS B 3 12.74 -31.32 -9.60
N ASN B 4 13.69 -31.57 -8.68
CA ASN B 4 13.35 -32.06 -7.31
C ASN B 4 12.76 -31.04 -6.37
N ARG B 5 11.63 -31.41 -5.77
CA ARG B 5 10.85 -30.54 -4.89
C ARG B 5 11.30 -30.63 -3.44
N ALA B 6 11.00 -29.57 -2.69
CA ALA B 6 11.27 -29.42 -1.27
C ALA B 6 10.15 -30.07 -0.46
N PHE B 7 10.42 -30.60 0.73
CA PHE B 7 9.37 -31.23 1.54
C PHE B 7 8.49 -30.24 2.31
N LEU B 8 9.04 -29.05 2.58
CA LEU B 8 8.27 -27.92 3.18
C LEU B 8 7.67 -26.98 2.15
N LYS B 9 6.41 -26.59 2.30
CA LYS B 9 5.92 -25.32 1.73
C LYS B 9 6.69 -24.16 2.41
N TRP B 10 7.22 -23.22 1.65
CA TRP B 10 8.11 -22.18 2.24
C TRP B 10 8.42 -21.02 1.29
N ALA B 11 8.37 -19.78 1.78
CA ALA B 11 8.63 -18.56 0.95
C ALA B 11 9.87 -18.66 0.02
N GLY B 12 9.70 -18.44 -1.28
CA GLY B 12 10.80 -18.57 -2.25
C GLY B 12 11.21 -20.03 -2.56
N GLY B 13 10.63 -20.98 -1.83
CA GLY B 13 10.69 -22.40 -2.19
C GLY B 13 9.95 -22.68 -3.50
N LYS B 14 9.28 -21.64 -4.03
CA LYS B 14 8.48 -21.70 -5.30
C LYS B 14 9.30 -21.58 -6.61
N TYR B 15 10.60 -21.31 -6.49
CA TYR B 15 11.59 -21.62 -7.54
C TYR B 15 11.27 -21.40 -9.06
N PRO B 16 10.60 -20.29 -9.46
CA PRO B 16 10.50 -20.18 -10.96
C PRO B 16 11.89 -19.89 -11.63
N LEU B 17 12.86 -19.59 -10.78
CA LEU B 17 14.31 -19.58 -11.02
C LEU B 17 14.71 -20.69 -10.06
N LEU B 18 15.43 -21.72 -10.47
CA LEU B 18 16.02 -21.91 -11.78
C LEU B 18 15.16 -21.82 -13.06
N ASP B 19 15.83 -21.83 -14.21
CA ASP B 19 17.19 -22.31 -14.38
C ASP B 19 18.20 -21.15 -14.44
N ASP B 20 17.73 -20.00 -13.98
CA ASP B 20 18.52 -18.78 -13.97
C ASP B 20 19.64 -18.76 -12.91
N ILE B 21 19.33 -19.19 -11.68
CA ILE B 21 20.37 -19.35 -10.65
C ILE B 21 21.51 -20.26 -11.12
N LYS B 22 21.20 -21.45 -11.57
CA LYS B 22 22.23 -22.38 -12.05
C LYS B 22 22.96 -21.86 -13.29
N ARG B 23 22.27 -21.13 -14.16
CA ARG B 23 22.94 -20.48 -15.27
C ARG B 23 24.06 -19.59 -14.72
N HIS B 24 23.79 -18.88 -13.64
CA HIS B 24 24.75 -17.89 -13.13
C HIS B 24 25.64 -18.26 -11.98
N LEU B 25 25.37 -19.42 -11.38
CA LEU B 25 26.06 -19.93 -10.18
C LEU B 25 27.40 -20.59 -10.53
N PRO B 26 28.54 -20.08 -10.03
CA PRO B 26 29.83 -20.73 -10.35
C PRO B 26 30.01 -22.11 -9.75
N LYS B 27 31.16 -22.74 -10.01
CA LYS B 27 31.47 -24.11 -9.68
C LYS B 27 32.41 -24.15 -8.51
N GLY B 28 32.37 -25.23 -7.72
CA GLY B 28 33.37 -25.43 -6.68
C GLY B 28 33.11 -26.70 -5.90
N GLU B 29 33.93 -26.95 -4.89
CA GLU B 29 33.72 -28.13 -4.04
C GLU B 29 32.51 -27.96 -3.09
N CYS B 30 32.28 -26.74 -2.58
CA CYS B 30 31.33 -26.53 -1.48
C CYS B 30 30.37 -25.36 -1.71
N LEU B 31 29.08 -25.57 -1.47
CA LEU B 31 28.14 -24.49 -1.61
C LEU B 31 27.69 -24.01 -0.20
N VAL B 32 27.94 -22.73 0.12
CA VAL B 32 27.38 -22.17 1.42
C VAL B 32 26.06 -21.49 1.15
N GLU B 33 24.96 -21.93 1.76
CA GLU B 33 23.71 -21.08 1.77
C GLU B 33 23.46 -20.39 3.13
N PRO B 34 23.56 -19.06 3.21
CA PRO B 34 23.25 -18.42 4.50
C PRO B 34 21.79 -18.33 4.85
N PHE B 35 20.93 -18.62 3.86
CA PHE B 35 19.49 -18.39 3.98
C PHE B 35 18.78 -19.59 3.32
N VAL B 36 19.10 -20.81 3.76
CA VAL B 36 18.68 -22.01 3.04
C VAL B 36 17.15 -22.06 2.86
N GLY B 37 16.37 -21.68 3.85
CA GLY B 37 14.94 -21.88 3.73
C GLY B 37 14.64 -23.34 3.38
N ALA B 38 13.87 -23.51 2.33
CA ALA B 38 13.33 -24.80 2.03
C ALA B 38 14.34 -25.64 1.22
N GLY B 39 15.40 -25.03 0.74
CA GLY B 39 16.43 -25.85 0.19
C GLY B 39 16.45 -26.15 -1.30
N SER B 40 15.67 -25.43 -2.11
CA SER B 40 15.58 -25.72 -3.54
C SER B 40 16.93 -25.77 -4.26
N VAL B 41 17.83 -24.83 -3.97
CA VAL B 41 19.07 -24.79 -4.72
C VAL B 41 19.88 -26.03 -4.34
N PHE B 42 20.00 -26.22 -3.02
CA PHE B 42 20.55 -27.44 -2.42
C PHE B 42 20.03 -28.72 -3.10
N LEU B 43 18.72 -28.87 -3.23
CA LEU B 43 18.11 -30.09 -3.74
C LEU B 43 18.25 -30.29 -5.27
N ASN B 44 18.76 -29.28 -6.00
CA ASN B 44 18.79 -29.33 -7.45
C ASN B 44 20.16 -28.94 -7.96
N THR B 45 21.16 -29.28 -7.17
CA THR B 45 22.58 -29.00 -7.57
C THR B 45 23.48 -30.18 -7.19
N ASP B 46 24.71 -30.14 -7.64
CA ASP B 46 25.56 -31.28 -7.41
C ASP B 46 26.95 -30.87 -6.88
N PHE B 47 26.97 -30.20 -5.74
CA PHE B 47 28.23 -29.89 -5.13
C PHE B 47 28.63 -31.09 -4.28
N SER B 48 29.93 -31.32 -4.13
CA SER B 48 30.34 -32.42 -3.26
C SER B 48 30.07 -32.21 -1.74
N ARG B 49 30.01 -30.95 -1.27
CA ARG B 49 29.59 -30.68 0.12
C ARG B 49 28.85 -29.33 0.30
N TYR B 50 28.12 -29.19 1.40
CA TYR B 50 27.24 -28.05 1.64
C TYR B 50 27.35 -27.56 3.11
N ILE B 51 27.32 -26.22 3.31
CA ILE B 51 27.07 -25.58 4.59
C ILE B 51 25.73 -24.92 4.43
N LEU B 52 24.77 -25.31 5.24
CA LEU B 52 23.44 -24.76 5.12
C LEU B 52 22.96 -24.15 6.43
N ALA B 53 22.53 -22.87 6.38
CA ALA B 53 22.28 -22.05 7.60
C ALA B 53 20.99 -21.23 7.49
N ASP B 54 20.41 -20.92 8.63
CA ASP B 54 19.21 -20.15 8.68
C ASP B 54 19.09 -19.69 10.15
N ILE B 55 18.29 -18.65 10.39
CA ILE B 55 18.18 -18.03 11.69
C ILE B 55 17.11 -18.79 12.44
N ASN B 56 16.21 -19.40 11.71
CA ASN B 56 15.06 -20.07 12.35
C ASN B 56 15.49 -21.44 12.93
N SER B 57 15.28 -21.65 14.20
CA SER B 57 15.88 -22.81 14.80
C SER B 57 14.91 -23.97 14.76
N ASP B 58 13.61 -23.73 14.68
CA ASP B 58 12.72 -24.86 14.41
C ASP B 58 13.16 -25.58 13.09
N LEU B 59 13.49 -24.77 12.09
CA LEU B 59 13.92 -25.23 10.79
C LEU B 59 15.18 -26.11 10.81
N ILE B 60 16.26 -25.56 11.39
CA ILE B 60 17.50 -26.28 11.44
C ILE B 60 17.37 -27.53 12.34
N SER B 61 16.62 -27.43 13.42
CA SER B 61 16.49 -28.58 14.29
C SER B 61 15.82 -29.71 13.49
N LEU B 62 14.69 -29.38 12.78
CA LEU B 62 14.00 -30.27 11.86
C LEU B 62 14.98 -30.97 10.91
N TYR B 63 15.87 -30.19 10.31
CA TYR B 63 16.74 -30.71 9.26
C TYR B 63 17.77 -31.62 9.90
N ASN B 64 18.19 -31.30 11.11
CA ASN B 64 19.09 -32.22 11.78
C ASN B 64 18.39 -33.61 12.01
N ILE B 65 17.11 -33.56 12.35
CA ILE B 65 16.36 -34.76 12.62
C ILE B 65 16.09 -35.64 11.38
N VAL B 66 15.80 -35.01 10.24
CA VAL B 66 15.51 -35.69 8.99
C VAL B 66 16.81 -36.29 8.49
N LYS B 67 17.91 -35.59 8.74
CA LYS B 67 19.23 -36.09 8.33
C LYS B 67 19.61 -37.36 9.09
N MET B 68 19.39 -37.35 10.40
CA MET B 68 20.11 -38.25 11.28
C MET B 68 19.12 -39.33 11.83
N ARG B 69 17.82 -39.10 11.71
CA ARG B 69 16.87 -40.06 12.19
C ARG B 69 15.85 -40.30 11.09
N THR B 70 16.30 -40.37 9.84
CA THR B 70 15.40 -40.43 8.72
C THR B 70 14.19 -41.35 8.96
N ASP B 71 14.42 -42.66 9.19
CA ASP B 71 13.33 -43.65 9.39
C ASP B 71 12.39 -43.42 10.51
N GLU B 72 12.86 -43.27 11.76
CA GLU B 72 11.82 -43.00 12.77
C GLU B 72 10.97 -41.72 12.52
N TYR B 73 11.63 -40.69 11.97
CA TYR B 73 10.99 -39.46 11.61
C TYR B 73 9.90 -39.69 10.54
N VAL B 74 10.25 -40.19 9.35
CA VAL B 74 9.23 -40.37 8.30
C VAL B 74 8.02 -41.14 8.84
N GLN B 75 8.31 -42.10 9.71
CA GLN B 75 7.30 -43.01 10.20
C GLN B 75 6.36 -42.28 11.14
N ALA B 76 6.93 -41.54 12.10
CA ALA B 76 6.13 -40.81 13.06
C ALA B 76 5.33 -39.65 12.39
N ALA B 77 5.91 -39.02 11.37
CA ALA B 77 5.22 -37.92 10.75
C ALA B 77 4.03 -38.43 9.95
N ARG B 78 4.22 -39.48 9.15
CA ARG B 78 3.16 -40.12 8.35
C ARG B 78 1.85 -40.31 9.07
N GLU B 79 1.93 -40.57 10.38
CA GLU B 79 0.77 -40.88 11.18
C GLU B 79 -0.12 -39.70 11.44
N LEU B 80 0.42 -38.50 11.24
CA LEU B 80 -0.39 -37.31 11.41
C LEU B 80 -1.13 -36.97 10.09
N PHE B 81 -0.73 -37.58 8.98
CA PHE B 81 -1.34 -37.22 7.70
C PHE B 81 -2.49 -38.08 7.29
N VAL B 82 -3.50 -38.07 8.13
CA VAL B 82 -4.66 -38.90 7.93
C VAL B 82 -5.91 -38.01 7.77
N PRO B 83 -7.11 -38.64 7.75
CA PRO B 83 -8.21 -37.69 7.65
C PRO B 83 -8.70 -37.16 8.99
N GLU B 84 -8.59 -37.93 10.07
CA GLU B 84 -9.08 -37.46 11.36
C GLU B 84 -8.39 -36.20 11.87
N THR B 85 -7.23 -35.86 11.28
CA THR B 85 -6.41 -34.71 11.69
C THR B 85 -6.70 -33.45 10.89
N ASN B 86 -7.39 -33.57 9.75
CA ASN B 86 -7.73 -32.43 8.92
C ASN B 86 -9.01 -31.73 9.34
N CYS B 87 -9.04 -31.22 10.59
CA CYS B 87 -10.09 -30.33 11.08
C CYS B 87 -9.52 -29.35 12.16
N ALA B 88 -10.25 -28.29 12.48
CA ALA B 88 -9.74 -27.26 13.41
C ALA B 88 -9.52 -27.73 14.85
N GLU B 89 -10.49 -28.43 15.43
CA GLU B 89 -10.36 -28.97 16.79
C GLU B 89 -8.96 -29.63 16.96
N VAL B 90 -8.51 -30.40 15.97
CA VAL B 90 -7.24 -31.08 16.01
C VAL B 90 -6.07 -30.17 15.63
N TYR B 91 -6.21 -29.37 14.59
CA TYR B 91 -5.16 -28.43 14.23
C TYR B 91 -4.71 -27.60 15.44
N TYR B 92 -5.68 -27.01 16.16
CA TYR B 92 -5.35 -26.16 17.30
C TYR B 92 -4.83 -26.99 18.46
N GLN B 93 -5.28 -28.24 18.56
CA GLN B 93 -4.75 -29.12 19.63
C GLN B 93 -3.23 -29.43 19.44
N PHE B 94 -2.83 -29.77 18.21
CA PHE B 94 -1.45 -30.07 17.91
C PHE B 94 -0.59 -28.78 17.97
N ARG B 95 -1.22 -27.64 17.64
CA ARG B 95 -0.49 -26.36 17.64
C ARG B 95 -0.13 -26.00 19.06
N GLU B 96 -1.04 -26.26 19.99
CA GLU B 96 -0.78 -25.98 21.37
C GLU B 96 0.27 -26.97 21.89
N GLU B 97 0.25 -28.22 21.41
CA GLU B 97 1.23 -29.18 21.84
C GLU B 97 2.61 -28.74 21.40
N PHE B 98 2.76 -28.42 20.12
CA PHE B 98 4.02 -28.00 19.58
C PHE B 98 4.54 -26.90 20.49
N ASN B 99 3.75 -25.83 20.65
CA ASN B 99 4.18 -24.69 21.47
C ASN B 99 4.55 -24.99 22.93
N LYS B 100 3.93 -26.01 23.53
CA LYS B 100 4.23 -26.36 24.90
C LYS B 100 5.40 -27.36 25.04
N SER B 101 5.89 -27.89 23.93
CA SER B 101 6.73 -29.04 24.05
C SER B 101 8.23 -28.71 24.20
N GLN B 102 8.98 -29.62 24.83
CA GLN B 102 10.46 -29.47 24.93
C GLN B 102 11.26 -30.58 24.33
N ASP B 103 10.52 -31.53 23.77
CA ASP B 103 11.11 -32.59 23.02
C ASP B 103 11.37 -32.09 21.58
N PRO B 104 12.63 -32.00 21.14
CA PRO B 104 12.88 -31.63 19.73
C PRO B 104 12.30 -32.63 18.70
N PHE B 105 12.30 -33.93 19.02
CA PHE B 105 11.85 -34.91 18.03
C PHE B 105 10.32 -34.71 17.76
N ARG B 106 9.51 -34.67 18.81
CA ARG B 106 8.08 -34.45 18.68
C ARG B 106 7.77 -33.04 18.09
N ARG B 107 8.59 -32.05 18.43
CA ARG B 107 8.43 -30.73 17.83
C ARG B 107 8.60 -30.77 16.34
N ALA B 108 9.61 -31.51 15.87
CA ALA B 108 9.90 -31.62 14.42
C ALA B 108 8.76 -32.32 13.66
N VAL B 109 8.06 -33.20 14.39
CA VAL B 109 6.94 -33.96 13.85
C VAL B 109 5.71 -33.11 13.78
N LEU B 110 5.36 -32.46 14.85
CA LEU B 110 4.27 -31.51 14.75
C LEU B 110 4.53 -30.40 13.65
N PHE B 111 5.78 -29.91 13.58
CA PHE B 111 6.10 -28.80 12.74
C PHE B 111 5.78 -29.04 11.21
N LEU B 112 5.96 -30.25 10.72
CA LEU B 112 5.63 -30.56 9.33
C LEU B 112 4.08 -30.63 9.12
N TYR B 113 3.40 -31.18 10.15
CA TYR B 113 1.96 -31.17 10.19
C TYR B 113 1.49 -29.72 10.03
N LEU B 114 1.94 -28.83 10.92
CA LEU B 114 1.60 -27.39 10.85
C LEU B 114 2.00 -26.77 9.51
N ASN B 115 3.15 -27.11 8.96
CA ASN B 115 3.49 -26.53 7.67
C ASN B 115 2.49 -26.91 6.58
N ARG B 116 1.86 -28.10 6.64
CA ARG B 116 1.02 -28.61 5.49
C ARG B 116 -0.45 -28.41 5.77
N TYR B 117 -0.84 -28.35 7.04
CA TYR B 117 -2.23 -28.16 7.35
C TYR B 117 -2.60 -26.70 7.66
N GLY B 118 -1.60 -25.81 7.62
CA GLY B 118 -1.77 -24.47 8.09
C GLY B 118 -1.93 -23.41 7.02
N TYR B 119 -2.52 -22.30 7.45
CA TYR B 119 -2.92 -21.27 6.53
C TYR B 119 -1.80 -20.87 5.61
N ASN B 120 -2.02 -21.10 4.32
CA ASN B 120 -1.08 -20.67 3.29
C ASN B 120 0.38 -21.08 3.49
N GLY B 121 0.59 -22.17 4.24
CA GLY B 121 1.95 -22.73 4.49
C GLY B 121 2.92 -21.76 5.15
N LEU B 122 2.35 -20.84 5.93
CA LEU B 122 3.08 -19.80 6.57
C LEU B 122 3.89 -20.34 7.78
N CYS B 123 5.04 -19.73 8.09
CA CYS B 123 5.71 -19.99 9.38
C CYS B 123 5.81 -18.67 10.12
N ARG B 124 5.10 -18.50 11.23
CA ARG B 124 5.08 -17.18 11.91
C ARG B 124 4.96 -17.34 13.42
N TYR B 125 5.61 -16.47 14.15
CA TYR B 125 5.53 -16.53 15.60
C TYR B 125 4.92 -15.22 16.17
N ASN B 126 4.27 -15.28 17.33
CA ASN B 126 3.77 -14.03 17.94
C ASN B 126 4.81 -13.39 18.87
N LEU B 127 4.41 -12.38 19.62
CA LEU B 127 5.39 -11.69 20.43
C LEU B 127 5.88 -12.53 21.60
N ARG B 128 5.12 -13.55 22.03
CA ARG B 128 5.63 -14.52 23.00
C ARG B 128 6.50 -15.61 22.37
N GLY B 129 6.84 -15.53 21.07
CA GLY B 129 7.55 -16.61 20.39
C GLY B 129 6.73 -17.89 20.19
N GLU B 130 5.40 -17.85 20.31
CA GLU B 130 4.59 -19.03 20.00
C GLU B 130 4.25 -19.06 18.48
N PHE B 131 4.40 -20.22 17.84
CA PHE B 131 3.95 -20.41 16.44
C PHE B 131 2.46 -20.07 16.41
N ASN B 132 2.03 -19.15 15.53
CA ASN B 132 0.62 -18.61 15.56
C ASN B 132 -0.17 -18.60 14.19
N VAL B 133 0.33 -19.34 13.20
CA VAL B 133 -0.47 -19.56 11.98
C VAL B 133 -1.83 -20.32 12.24
N PRO B 134 -2.97 -19.79 11.77
CA PRO B 134 -4.21 -20.55 11.95
C PRO B 134 -4.42 -21.73 10.93
N PHE B 135 -5.55 -22.47 11.14
CA PHE B 135 -5.90 -23.66 10.36
C PHE B 135 -6.15 -23.31 8.91
N GLY B 136 -5.55 -24.05 7.96
CA GLY B 136 -5.60 -23.70 6.52
C GLY B 136 -6.72 -24.28 5.65
N ARG B 137 -7.59 -25.13 6.23
CA ARG B 137 -8.74 -25.78 5.52
C ARG B 137 -8.54 -26.37 4.09
N TYR B 138 -7.49 -27.17 3.89
CA TYR B 138 -7.16 -27.68 2.57
C TYR B 138 -7.94 -28.97 2.36
N LYS B 139 -8.28 -29.27 1.11
CA LYS B 139 -9.02 -30.50 0.78
C LYS B 139 -8.31 -31.74 1.37
N LYS B 140 -7.12 -32.06 0.84
CA LYS B 140 -6.29 -33.15 1.42
C LYS B 140 -4.79 -32.80 1.20
N PRO B 141 -4.08 -32.47 2.30
CA PRO B 141 -2.63 -32.21 2.28
C PRO B 141 -1.86 -33.45 1.91
N TYR B 142 -0.81 -33.25 1.11
CA TYR B 142 0.09 -34.26 0.60
C TYR B 142 1.23 -34.49 1.59
N PHE B 143 1.62 -35.75 1.78
CA PHE B 143 2.63 -36.04 2.75
C PHE B 143 3.88 -36.21 1.95
N PRO B 144 4.92 -35.39 2.22
CA PRO B 144 6.00 -35.40 1.26
C PRO B 144 7.01 -36.55 1.48
N GLU B 145 6.54 -37.80 1.39
CA GLU B 145 7.40 -38.97 1.65
C GLU B 145 8.72 -39.03 0.84
N ALA B 146 8.59 -39.02 -0.49
CA ALA B 146 9.71 -39.19 -1.38
C ALA B 146 10.69 -38.03 -1.24
N GLU B 147 10.14 -36.84 -1.02
CA GLU B 147 10.96 -35.63 -0.89
C GLU B 147 11.76 -35.70 0.41
N LEU B 148 11.11 -36.19 1.49
CA LEU B 148 11.80 -36.38 2.74
C LEU B 148 13.04 -37.28 2.52
N TYR B 149 12.86 -38.47 1.92
CA TYR B 149 14.02 -39.35 1.65
C TYR B 149 15.00 -38.66 0.69
N HIS B 150 14.50 -37.96 -0.30
CA HIS B 150 15.51 -37.32 -1.14
C HIS B 150 16.37 -36.30 -0.39
N PHE B 151 15.73 -35.51 0.46
CA PHE B 151 16.43 -34.56 1.30
C PHE B 151 17.40 -35.32 2.23
N ALA B 152 16.89 -36.30 2.98
CA ALA B 152 17.78 -37.04 3.91
C ALA B 152 18.99 -37.58 3.23
N GLU B 153 18.84 -37.99 1.99
CA GLU B 153 19.90 -38.71 1.36
C GLU B 153 20.94 -37.69 0.92
N LYS B 154 20.46 -36.56 0.45
CA LYS B 154 21.32 -35.47 0.05
C LYS B 154 21.97 -34.76 1.27
N ALA B 155 21.26 -34.70 2.40
CA ALA B 155 21.81 -34.19 3.63
C ALA B 155 23.15 -34.88 4.13
N GLN B 156 23.39 -36.13 3.71
CA GLN B 156 24.63 -36.85 4.10
C GLN B 156 25.85 -36.04 3.72
N ASN B 157 25.69 -35.17 2.72
CA ASN B 157 26.81 -34.30 2.36
C ASN B 157 26.72 -32.85 2.90
N ALA B 158 25.97 -32.65 3.99
CA ALA B 158 25.67 -31.30 4.41
C ALA B 158 25.86 -31.08 5.90
N PHE B 159 26.23 -29.88 6.27
CA PHE B 159 26.09 -29.44 7.68
C PHE B 159 25.04 -28.33 7.83
N PHE B 160 24.23 -28.39 8.89
CA PHE B 160 23.25 -27.37 9.16
C PHE B 160 23.61 -26.54 10.39
N TYR B 161 23.64 -25.22 10.24
CA TYR B 161 23.84 -24.33 11.39
C TYR B 161 22.74 -23.33 11.55
N CYS B 162 22.37 -23.09 12.81
CA CYS B 162 21.37 -22.09 13.16
C CYS B 162 22.15 -20.88 13.64
N GLU B 163 22.25 -19.87 12.80
CA GLU B 163 23.10 -18.69 12.98
C GLU B 163 22.79 -17.65 11.86
N SER B 164 23.33 -16.45 12.02
CA SER B 164 22.98 -15.33 11.18
C SER B 164 23.88 -15.31 9.97
N TYR B 165 23.50 -14.62 8.88
CA TYR B 165 24.21 -14.66 7.61
C TYR B 165 25.70 -14.34 7.79
N ALA B 166 25.99 -13.44 8.72
CA ALA B 166 27.39 -13.07 8.95
C ALA B 166 28.24 -14.22 9.43
N ASP B 167 27.75 -15.02 10.38
CA ASP B 167 28.53 -16.21 10.87
C ASP B 167 28.68 -17.31 9.76
N SER B 168 27.59 -17.69 9.05
CA SER B 168 27.72 -18.68 7.97
C SER B 168 28.68 -18.20 6.90
N MET B 169 28.48 -17.00 6.40
CA MET B 169 29.39 -16.53 5.36
C MET B 169 30.85 -16.57 5.81
N ALA B 170 31.16 -16.34 7.08
CA ALA B 170 32.57 -16.57 7.52
C ALA B 170 33.08 -18.05 7.40
N ARG B 171 32.22 -19.04 7.22
CA ARG B 171 32.77 -20.38 7.13
C ARG B 171 33.27 -20.70 5.70
N ALA B 172 32.99 -19.85 4.70
CA ALA B 172 33.39 -20.16 3.31
C ALA B 172 34.86 -20.01 3.16
N ASP B 173 35.46 -20.87 2.32
CA ASP B 173 36.90 -20.89 1.99
C ASP B 173 37.18 -20.86 0.48
N ASP B 174 38.44 -21.16 0.08
CA ASP B 174 38.91 -21.03 -1.30
C ASP B 174 38.07 -21.89 -2.20
N ALA B 175 37.59 -22.99 -1.66
CA ALA B 175 36.93 -23.96 -2.49
C ALA B 175 35.41 -23.79 -2.47
N SER B 176 34.91 -22.73 -1.83
CA SER B 176 33.45 -22.54 -1.64
C SER B 176 32.88 -21.62 -2.65
N VAL B 177 31.57 -21.76 -2.87
CA VAL B 177 30.75 -20.80 -3.62
C VAL B 177 29.60 -20.39 -2.67
N VAL B 178 29.19 -19.11 -2.63
CA VAL B 178 28.09 -18.71 -1.73
C VAL B 178 26.87 -18.19 -2.48
N TYR B 179 25.69 -18.72 -2.15
CA TYR B 179 24.49 -18.24 -2.77
C TYR B 179 23.58 -17.66 -1.71
N CYS B 180 23.24 -16.36 -1.84
CA CYS B 180 22.38 -15.69 -0.85
C CYS B 180 21.00 -15.42 -1.41
N ASP B 181 19.99 -15.99 -0.74
CA ASP B 181 18.55 -15.72 -0.94
C ASP B 181 17.96 -14.97 0.31
N PRO B 182 18.26 -13.66 0.48
CA PRO B 182 17.83 -12.94 1.70
C PRO B 182 16.34 -12.72 1.70
N PRO B 183 15.77 -12.33 2.83
CA PRO B 183 14.37 -11.85 2.72
C PRO B 183 14.24 -10.67 1.71
N TYR B 184 13.18 -10.68 0.94
CA TYR B 184 12.97 -9.67 -0.10
C TYR B 184 13.12 -8.21 0.35
N ALA B 185 13.83 -7.43 -0.46
CA ALA B 185 13.79 -5.98 -0.35
C ALA B 185 12.34 -5.41 -0.44
N PRO B 186 12.06 -4.27 0.19
CA PRO B 186 10.65 -3.80 0.07
C PRO B 186 10.28 -3.28 -1.35
N LEU B 187 8.99 -3.41 -1.71
CA LEU B 187 8.41 -2.89 -2.97
C LEU B 187 7.92 -1.39 -2.92
N SER B 200 12.18 -9.53 11.49
CA SER B 200 12.18 -8.64 10.32
C SER B 200 13.62 -8.31 9.94
N PHE B 201 13.87 -8.28 8.63
CA PHE B 201 15.21 -8.05 8.09
C PHE B 201 15.38 -6.59 7.62
N THR B 202 16.39 -5.93 8.13
CA THR B 202 16.48 -4.49 7.95
C THR B 202 17.35 -4.07 6.77
N LEU B 203 17.10 -2.85 6.30
CA LEU B 203 17.82 -2.23 5.21
C LEU B 203 19.26 -2.22 5.58
N GLU B 204 19.53 -2.00 6.85
CA GLU B 204 20.92 -1.97 7.29
C GLU B 204 21.54 -3.35 7.08
N GLN B 205 20.78 -4.42 7.37
CA GLN B 205 21.25 -5.79 7.08
C GLN B 205 21.36 -6.15 5.57
N GLN B 206 20.34 -5.81 4.80
CA GLN B 206 20.41 -5.86 3.35
C GLN B 206 21.71 -5.28 2.82
N ALA B 207 22.20 -4.16 3.36
CA ALA B 207 23.47 -3.58 2.81
C ALA B 207 24.70 -4.27 3.34
N HIS B 208 24.56 -4.81 4.55
CA HIS B 208 25.72 -5.40 5.23
C HIS B 208 26.09 -6.64 4.44
N LEU B 209 25.03 -7.34 4.02
CA LEU B 209 25.14 -8.55 3.20
C LEU B 209 25.97 -8.27 1.96
N ALA B 210 25.67 -7.20 1.27
CA ALA B 210 26.40 -6.89 0.03
C ALA B 210 27.85 -6.53 0.31
N GLU B 211 28.09 -5.92 1.45
CA GLU B 211 29.46 -5.65 1.87
C GLU B 211 30.28 -6.89 2.22
N ILE B 212 29.68 -7.86 2.91
CA ILE B 212 30.39 -9.11 3.19
C ILE B 212 30.74 -9.80 1.84
N ALA B 213 29.78 -9.77 0.88
CA ALA B 213 30.01 -10.32 -0.46
C ALA B 213 31.23 -9.67 -1.11
N GLU B 214 31.27 -8.33 -1.08
CA GLU B 214 32.45 -7.60 -1.58
C GLU B 214 33.73 -8.16 -0.96
N GLY B 215 33.73 -8.44 0.36
CA GLY B 215 34.93 -8.89 1.01
C GLY B 215 35.27 -10.33 0.61
N LEU B 216 34.24 -11.14 0.37
CA LEU B 216 34.45 -12.46 -0.13
C LEU B 216 35.05 -12.45 -1.51
N VAL B 217 34.55 -11.63 -2.43
CA VAL B 217 35.13 -11.66 -3.76
C VAL B 217 36.63 -11.21 -3.73
N GLU B 218 36.98 -10.21 -2.94
CA GLU B 218 38.40 -9.87 -2.76
C GLU B 218 39.24 -11.08 -2.46
N ARG B 219 38.72 -12.02 -1.68
CA ARG B 219 39.47 -13.22 -1.27
C ARG B 219 39.34 -14.37 -2.28
N HIS B 220 38.81 -14.08 -3.47
CA HIS B 220 38.65 -15.12 -4.52
C HIS B 220 37.55 -16.16 -4.30
N ILE B 221 36.54 -15.78 -3.51
CA ILE B 221 35.37 -16.60 -3.22
C ILE B 221 34.15 -15.97 -3.87
N PRO B 222 33.55 -16.65 -4.85
CA PRO B 222 32.40 -16.09 -5.59
C PRO B 222 31.16 -16.12 -4.76
N VAL B 223 30.22 -15.19 -5.00
CA VAL B 223 28.98 -15.07 -4.25
C VAL B 223 27.95 -14.69 -5.27
N LEU B 224 26.76 -15.28 -5.23
CA LEU B 224 25.67 -14.90 -6.13
C LEU B 224 24.48 -14.49 -5.26
N ILE B 225 23.84 -13.35 -5.56
CA ILE B 225 22.72 -12.94 -4.68
C ILE B 225 21.48 -12.73 -5.48
N SER B 226 20.35 -13.00 -4.87
CA SER B 226 19.09 -12.91 -5.56
C SER B 226 18.14 -11.94 -4.83
N ASN B 227 17.34 -11.16 -5.55
CA ASN B 227 16.43 -10.21 -4.88
C ASN B 227 15.45 -9.65 -5.90
N HIS B 228 14.42 -8.93 -5.45
CA HIS B 228 13.67 -8.00 -6.37
C HIS B 228 14.57 -6.95 -7.04
N ASP B 229 14.15 -6.48 -8.23
CA ASP B 229 14.84 -5.41 -8.99
C ASP B 229 14.33 -4.09 -8.48
N THR B 230 15.16 -3.33 -7.78
CA THR B 230 14.67 -2.06 -7.21
C THR B 230 15.80 -1.08 -7.12
N MET B 231 15.43 0.13 -6.74
CA MET B 231 16.40 1.20 -6.67
C MET B 231 17.40 0.82 -5.60
N LEU B 232 16.88 0.32 -4.46
CA LEU B 232 17.78 -0.13 -3.38
C LEU B 232 18.72 -1.32 -3.71
N THR B 233 18.18 -2.37 -4.34
CA THR B 233 19.02 -3.53 -4.64
C THR B 233 20.09 -3.18 -5.64
N ARG B 234 19.76 -2.32 -6.63
CA ARG B 234 20.83 -1.83 -7.55
C ARG B 234 21.88 -0.97 -6.82
N GLU B 235 21.44 -0.12 -5.88
CA GLU B 235 22.32 0.59 -5.00
C GLU B 235 23.25 -0.38 -4.25
N TRP B 236 22.68 -1.34 -3.50
CA TRP B 236 23.55 -2.26 -2.71
C TRP B 236 24.47 -3.14 -3.55
N TYR B 237 23.93 -3.71 -4.63
CA TYR B 237 24.74 -4.62 -5.39
C TYR B 237 25.53 -3.92 -6.51
N GLN B 238 25.79 -2.62 -6.34
CA GLN B 238 26.38 -1.83 -7.45
C GLN B 238 27.70 -2.39 -7.96
N ARG B 239 28.40 -3.20 -7.16
CA ARG B 239 29.72 -3.75 -7.56
C ARG B 239 29.67 -5.15 -8.19
N ALA B 240 28.49 -5.69 -8.42
CA ALA B 240 28.43 -7.01 -9.06
C ALA B 240 28.06 -6.87 -10.54
N LYS B 241 28.45 -7.83 -11.38
CA LYS B 241 27.73 -7.92 -12.66
C LYS B 241 26.26 -8.30 -12.41
N LEU B 242 25.32 -7.58 -13.00
CA LEU B 242 23.92 -7.72 -12.67
C LEU B 242 23.15 -8.33 -13.84
N HIS B 243 22.12 -9.15 -13.56
CA HIS B 243 21.27 -9.71 -14.60
C HIS B 243 19.86 -9.63 -14.12
N VAL B 244 18.97 -9.25 -15.02
CA VAL B 244 17.56 -8.97 -14.72
C VAL B 244 16.74 -10.10 -15.33
N VAL B 245 15.78 -10.63 -14.59
CA VAL B 245 15.01 -11.78 -15.05
C VAL B 245 13.58 -11.31 -15.03
N LYS B 246 12.93 -11.29 -16.20
CA LYS B 246 11.49 -11.01 -16.26
C LYS B 246 10.78 -12.23 -15.67
N VAL B 247 9.69 -12.01 -14.93
CA VAL B 247 8.81 -13.12 -14.55
C VAL B 247 7.36 -12.66 -14.68
N LYS B 260 4.03 -10.12 -10.80
CA LYS B 260 5.16 -10.15 -11.72
C LYS B 260 5.97 -8.83 -11.67
N VAL B 261 6.85 -8.69 -10.67
CA VAL B 261 7.92 -7.65 -10.66
C VAL B 261 9.22 -8.37 -11.00
N ASP B 262 10.15 -7.66 -11.64
CA ASP B 262 11.38 -8.28 -12.05
C ASP B 262 12.23 -8.70 -10.87
N GLU B 263 12.98 -9.79 -11.10
CA GLU B 263 13.93 -10.36 -10.18
C GLU B 263 15.34 -9.98 -10.59
N LEU B 264 16.18 -9.58 -9.63
CA LEU B 264 17.60 -9.31 -9.89
C LEU B 264 18.54 -10.44 -9.37
N LEU B 265 19.60 -10.75 -10.14
CA LEU B 265 20.72 -11.62 -9.71
C LEU B 265 22.04 -10.86 -9.77
N ALA B 266 22.80 -10.96 -8.70
CA ALA B 266 24.01 -10.18 -8.59
C ALA B 266 25.22 -11.08 -8.39
N LEU B 267 26.16 -11.03 -9.32
CA LEU B 267 27.27 -11.94 -9.34
C LEU B 267 28.53 -11.25 -8.96
N TYR B 268 29.16 -11.69 -7.88
CA TYR B 268 30.50 -11.23 -7.56
C TYR B 268 31.55 -12.29 -7.99
N LYS B 269 32.14 -12.14 -9.17
CA LYS B 269 33.10 -13.12 -9.69
C LYS B 269 34.54 -12.61 -9.62
N PRO B 270 35.48 -13.44 -9.13
CA PRO B 270 36.94 -13.18 -9.24
C PRO B 270 37.47 -13.06 -10.67
N LYS C 3 4.22 19.44 -30.21
CA LYS C 3 4.49 19.68 -28.76
C LYS C 3 5.99 19.60 -28.38
N ASN C 4 6.63 20.75 -28.06
CA ASN C 4 8.02 20.79 -27.57
C ASN C 4 8.26 20.02 -26.26
N ARG C 5 9.36 19.25 -26.21
CA ARG C 5 9.70 18.34 -25.09
C ARG C 5 10.70 18.96 -24.12
N ALA C 6 10.63 18.57 -22.86
CA ALA C 6 11.57 19.07 -21.89
C ALA C 6 12.91 18.36 -22.16
N PHE C 7 14.04 18.98 -21.86
CA PHE C 7 15.28 18.27 -21.99
C PHE C 7 15.63 17.36 -20.81
N LEU C 8 14.98 17.53 -19.66
CA LEU C 8 15.11 16.59 -18.52
C LEU C 8 13.94 15.58 -18.42
N LYS C 9 14.27 14.35 -17.98
CA LYS C 9 13.34 13.30 -17.48
C LYS C 9 13.04 13.71 -16.06
N TRP C 10 11.81 14.05 -15.79
CA TRP C 10 11.49 14.68 -14.51
C TRP C 10 10.00 14.43 -14.21
N ALA C 11 9.64 14.01 -12.99
CA ALA C 11 8.19 13.77 -12.72
C ALA C 11 7.23 14.97 -13.11
N GLY C 12 6.11 14.66 -13.75
CA GLY C 12 5.20 15.73 -14.22
C GLY C 12 5.70 16.25 -15.55
N GLY C 13 4.80 16.83 -16.34
CA GLY C 13 5.21 17.17 -17.70
C GLY C 13 5.66 15.94 -18.50
N LYS C 14 5.22 14.80 -17.98
CA LYS C 14 4.70 13.69 -18.74
C LYS C 14 3.55 14.37 -19.45
N TYR C 15 3.72 14.54 -20.73
CA TYR C 15 3.05 15.67 -21.45
C TYR C 15 1.55 15.61 -21.93
N PRO C 16 0.69 14.66 -21.41
CA PRO C 16 -0.76 14.92 -21.73
C PRO C 16 -1.23 15.99 -20.72
N LEU C 17 -2.52 16.22 -20.58
CA LEU C 17 -2.94 17.31 -19.70
C LEU C 17 -2.41 18.71 -20.19
N LEU C 18 -1.49 18.77 -21.15
CA LEU C 18 -1.11 20.07 -21.72
C LEU C 18 -2.26 20.77 -22.40
N ASP C 19 -3.03 20.05 -23.22
CA ASP C 19 -4.07 20.72 -23.96
C ASP C 19 -5.08 21.21 -22.95
N ASP C 20 -5.36 20.37 -21.95
CA ASP C 20 -6.29 20.74 -20.88
C ASP C 20 -5.86 21.93 -20.03
N ILE C 21 -4.58 22.00 -19.65
CA ILE C 21 -4.02 23.11 -18.89
C ILE C 21 -4.07 24.39 -19.75
N LYS C 22 -3.71 24.26 -21.02
CA LYS C 22 -3.69 25.41 -21.92
C LYS C 22 -5.10 25.92 -22.22
N ARG C 23 -6.10 25.02 -22.19
CA ARG C 23 -7.53 25.36 -22.31
C ARG C 23 -8.03 26.23 -21.14
N HIS C 24 -7.69 25.87 -19.91
CA HIS C 24 -8.17 26.63 -18.77
C HIS C 24 -7.13 27.66 -18.34
N LEU C 25 -5.89 27.55 -18.79
CA LEU C 25 -4.94 28.60 -18.43
C LEU C 25 -5.31 30.00 -18.96
N PRO C 26 -5.59 30.98 -18.07
CA PRO C 26 -5.96 32.32 -18.56
C PRO C 26 -4.83 33.05 -19.29
N LYS C 27 -5.10 34.27 -19.76
CA LYS C 27 -4.13 35.08 -20.53
C LYS C 27 -3.51 36.25 -19.74
N GLY C 28 -2.27 36.64 -20.08
CA GLY C 28 -1.56 37.70 -19.37
C GLY C 28 -0.18 38.03 -19.92
N GLU C 29 0.46 39.06 -19.40
CA GLU C 29 1.80 39.38 -19.86
C GLU C 29 2.90 38.40 -19.36
N CYS C 30 2.61 37.71 -18.27
CA CYS C 30 3.62 37.00 -17.50
C CYS C 30 3.01 35.72 -16.92
N LEU C 31 3.78 34.64 -16.97
CA LEU C 31 3.39 33.41 -16.29
C LEU C 31 4.36 33.13 -15.14
N VAL C 32 3.83 32.93 -13.94
CA VAL C 32 4.61 32.52 -12.76
C VAL C 32 4.39 30.99 -12.53
N GLU C 33 5.47 30.23 -12.37
CA GLU C 33 5.36 28.80 -12.03
C GLU C 33 6.17 28.56 -10.80
N PRO C 34 5.49 28.44 -9.65
CA PRO C 34 6.20 28.14 -8.42
C PRO C 34 6.79 26.72 -8.39
N PHE C 35 6.36 25.82 -9.25
CA PHE C 35 6.94 24.45 -9.20
C PHE C 35 7.35 24.07 -10.62
N VAL C 36 8.24 24.85 -11.26
CA VAL C 36 8.54 24.69 -12.67
C VAL C 36 8.92 23.22 -13.08
N GLY C 37 9.78 22.51 -12.34
CA GLY C 37 10.19 21.12 -12.71
C GLY C 37 10.75 21.04 -14.13
N ALA C 38 10.11 20.25 -15.00
CA ALA C 38 10.67 20.00 -16.36
C ALA C 38 10.48 21.23 -17.25
N GLY C 39 9.40 21.96 -17.03
CA GLY C 39 9.23 23.22 -17.70
C GLY C 39 8.29 23.17 -18.89
N SER C 40 7.58 22.06 -19.02
CA SER C 40 6.78 21.80 -20.15
C SER C 40 5.65 22.78 -20.36
N VAL C 41 5.04 23.31 -19.31
CA VAL C 41 4.12 24.44 -19.53
C VAL C 41 4.87 25.68 -20.08
N PHE C 42 5.95 26.08 -19.41
CA PHE C 42 6.86 27.11 -19.92
C PHE C 42 7.18 26.91 -21.42
N LEU C 43 7.58 25.71 -21.80
CA LEU C 43 8.00 25.42 -23.19
C LEU C 43 6.88 25.39 -24.25
N ASN C 44 5.62 25.43 -23.86
CA ASN C 44 4.53 25.22 -24.82
C ASN C 44 3.46 26.27 -24.68
N THR C 45 3.85 27.44 -24.23
CA THR C 45 2.98 28.59 -24.23
C THR C 45 3.80 29.79 -24.70
N ASP C 46 3.12 30.89 -24.89
CA ASP C 46 3.78 32.03 -25.48
C ASP C 46 3.50 33.28 -24.65
N PHE C 47 3.96 33.28 -23.41
CA PHE C 47 3.84 34.48 -22.62
C PHE C 47 5.03 35.33 -23.00
N SER C 48 4.89 36.64 -22.85
CA SER C 48 6.00 37.50 -23.16
C SER C 48 7.11 37.41 -22.09
N ARG C 49 6.76 37.14 -20.83
CA ARG C 49 7.83 36.88 -19.87
C ARG C 49 7.44 35.79 -18.86
N TYR C 50 8.43 35.24 -18.15
CA TYR C 50 8.21 34.14 -17.22
C TYR C 50 8.96 34.31 -15.90
N ILE C 51 8.30 34.01 -14.81
CA ILE C 51 8.98 33.80 -13.54
C ILE C 51 8.89 32.29 -13.16
N LEU C 52 10.05 31.61 -13.06
CA LEU C 52 10.05 30.12 -12.89
C LEU C 52 10.88 29.72 -11.70
N ALA C 53 10.28 28.94 -10.81
CA ALA C 53 10.88 28.68 -9.50
C ALA C 53 10.66 27.25 -9.05
N ASP C 54 11.53 26.80 -8.15
CA ASP C 54 11.57 25.46 -7.69
C ASP C 54 12.47 25.36 -6.50
N ILE C 55 12.10 24.56 -5.49
CA ILE C 55 12.96 24.33 -4.32
C ILE C 55 14.32 23.66 -4.56
N ASN C 56 14.45 22.96 -5.69
CA ASN C 56 15.64 22.13 -5.96
C ASN C 56 16.68 23.06 -6.52
N SER C 57 17.76 23.21 -5.78
CA SER C 57 18.78 24.19 -6.12
C SER C 57 19.67 23.75 -7.23
N ASP C 58 19.78 22.44 -7.50
CA ASP C 58 20.55 21.89 -8.65
C ASP C 58 19.78 22.20 -9.92
N LEU C 59 18.46 22.11 -9.84
CA LEU C 59 17.65 22.32 -11.04
C LEU C 59 17.78 23.78 -11.54
N ILE C 60 17.67 24.72 -10.59
CA ILE C 60 17.57 26.09 -10.94
C ILE C 60 18.97 26.47 -11.47
N SER C 61 19.99 25.96 -10.80
CA SER C 61 21.36 26.32 -11.13
C SER C 61 21.66 25.85 -12.55
N LEU C 62 21.28 24.61 -12.86
CA LEU C 62 21.42 24.10 -14.24
C LEU C 62 20.61 24.99 -15.18
N TYR C 63 19.37 25.28 -14.87
CA TYR C 63 18.60 26.17 -15.71
C TYR C 63 19.33 27.56 -15.92
N ASN C 64 19.94 28.10 -14.89
CA ASN C 64 20.64 29.37 -15.07
C ASN C 64 21.87 29.30 -15.98
N ILE C 65 22.57 28.15 -15.91
CA ILE C 65 23.67 27.87 -16.81
C ILE C 65 23.17 27.66 -18.26
N VAL C 66 22.01 27.02 -18.44
CA VAL C 66 21.63 26.74 -19.81
C VAL C 66 21.25 28.04 -20.45
N LYS C 67 20.75 28.96 -19.61
CA LYS C 67 20.30 30.27 -20.08
C LYS C 67 21.45 31.15 -20.59
N MET C 68 22.51 31.28 -19.79
CA MET C 68 23.60 32.24 -19.98
C MET C 68 24.85 31.66 -20.67
N ARG C 69 25.00 30.34 -20.71
CA ARG C 69 26.20 29.72 -21.31
C ARG C 69 25.84 28.58 -22.30
N THR C 70 24.88 28.85 -23.17
CA THR C 70 24.29 27.83 -23.97
C THR C 70 25.29 26.94 -24.70
N ASP C 71 26.15 27.53 -25.52
CA ASP C 71 27.01 26.74 -26.43
C ASP C 71 28.09 25.95 -25.71
N GLU C 72 28.72 26.61 -24.77
CA GLU C 72 29.70 26.06 -23.90
C GLU C 72 29.10 24.91 -23.11
N TYR C 73 27.90 25.09 -22.56
CA TYR C 73 27.20 24.01 -21.86
C TYR C 73 26.93 22.76 -22.76
N VAL C 74 26.29 22.97 -23.90
CA VAL C 74 25.88 21.86 -24.77
C VAL C 74 27.09 21.04 -25.15
N GLN C 75 28.22 21.75 -25.36
CA GLN C 75 29.41 21.13 -25.91
C GLN C 75 30.08 20.30 -24.89
N ALA C 76 30.17 20.81 -23.67
CA ALA C 76 30.78 20.05 -22.61
C ALA C 76 29.91 18.82 -22.33
N ALA C 77 28.60 19.00 -22.36
CA ALA C 77 27.70 17.92 -21.93
C ALA C 77 27.59 16.82 -22.98
N ARG C 78 27.89 17.16 -24.24
CA ARG C 78 27.82 16.17 -25.34
C ARG C 78 28.94 15.17 -25.17
N GLU C 79 30.06 15.67 -24.66
CA GLU C 79 31.24 14.88 -24.34
C GLU C 79 30.97 13.64 -23.51
N LEU C 80 29.87 13.64 -22.72
CA LEU C 80 29.55 12.53 -21.82
C LEU C 80 28.48 11.59 -22.36
N PHE C 81 28.00 11.84 -23.57
CA PHE C 81 26.96 10.95 -24.11
C PHE C 81 27.55 10.05 -25.14
N VAL C 82 28.63 9.38 -24.79
CA VAL C 82 29.34 8.54 -25.73
C VAL C 82 29.22 7.12 -25.21
N PRO C 83 29.58 6.14 -26.06
CA PRO C 83 29.35 4.76 -25.61
C PRO C 83 30.23 4.35 -24.41
N GLU C 84 31.46 4.87 -24.33
CA GLU C 84 32.40 4.62 -23.22
C GLU C 84 31.83 4.91 -21.82
N THR C 85 30.78 5.73 -21.77
CA THR C 85 30.19 6.07 -20.50
C THR C 85 28.98 5.24 -20.14
N ASN C 86 28.47 4.39 -21.03
CA ASN C 86 27.27 3.63 -20.65
C ASN C 86 27.52 2.31 -19.85
N CYS C 87 28.18 2.42 -18.70
CA CYS C 87 28.39 1.28 -17.82
C CYS C 87 28.50 1.78 -16.40
N ALA C 88 28.34 0.87 -15.45
CA ALA C 88 28.33 1.23 -14.02
C ALA C 88 29.67 1.82 -13.60
N GLU C 89 30.74 1.32 -14.18
CA GLU C 89 32.05 1.74 -13.67
C GLU C 89 32.15 3.28 -13.83
N VAL C 90 31.69 3.79 -14.97
CA VAL C 90 31.67 5.22 -15.26
C VAL C 90 30.56 6.05 -14.53
N TYR C 91 29.35 5.48 -14.50
CA TYR C 91 28.24 6.07 -13.81
C TYR C 91 28.60 6.46 -12.34
N TYR C 92 29.05 5.49 -11.53
CA TYR C 92 29.28 5.67 -10.09
C TYR C 92 30.51 6.56 -9.95
N GLN C 93 31.38 6.51 -10.92
CA GLN C 93 32.45 7.45 -10.97
C GLN C 93 31.93 8.91 -11.18
N PHE C 94 31.06 9.13 -12.18
CA PHE C 94 30.54 10.50 -12.43
C PHE C 94 29.65 10.96 -11.25
N ARG C 95 28.96 10.00 -10.62
CA ARG C 95 28.10 10.31 -9.54
C ARG C 95 28.94 10.83 -8.34
N GLU C 96 30.08 10.18 -8.07
CA GLU C 96 30.95 10.56 -6.95
C GLU C 96 31.59 11.96 -7.18
N GLU C 97 31.99 12.22 -8.42
CA GLU C 97 32.43 13.53 -8.82
C GLU C 97 31.32 14.60 -8.59
N PHE C 98 30.06 14.29 -8.87
CA PHE C 98 29.03 15.29 -8.75
C PHE C 98 28.90 15.69 -7.28
N ASN C 99 28.78 14.71 -6.42
CA ASN C 99 28.64 14.98 -5.02
C ASN C 99 29.91 15.64 -4.41
N LYS C 100 31.09 15.43 -5.01
CA LYS C 100 32.29 16.05 -4.43
C LYS C 100 32.61 17.46 -4.94
N SER C 101 32.10 17.85 -6.10
CA SER C 101 32.41 19.11 -6.73
C SER C 101 31.70 20.34 -6.13
N GLN C 102 32.41 21.47 -6.16
CA GLN C 102 31.88 22.77 -5.69
C GLN C 102 31.73 23.73 -6.86
N ASP C 103 31.99 23.25 -8.10
CA ASP C 103 31.88 24.06 -9.30
C ASP C 103 30.54 23.80 -9.98
N PRO C 104 29.65 24.79 -9.99
CA PRO C 104 28.32 24.70 -10.59
C PRO C 104 28.35 24.29 -12.06
N PHE C 105 29.34 24.66 -12.82
CA PHE C 105 29.26 24.34 -14.22
C PHE C 105 29.51 22.81 -14.41
N ARG C 106 30.53 22.29 -13.76
CA ARG C 106 30.82 20.88 -13.88
C ARG C 106 29.67 20.02 -13.30
N ARG C 107 29.18 20.39 -12.11
CA ARG C 107 27.93 19.84 -11.53
C ARG C 107 26.76 19.77 -12.53
N ALA C 108 26.58 20.82 -13.31
CA ALA C 108 25.42 20.86 -14.18
C ALA C 108 25.64 19.99 -15.43
N VAL C 109 26.87 19.80 -15.84
CA VAL C 109 27.11 18.88 -16.94
C VAL C 109 26.83 17.44 -16.42
N LEU C 110 27.39 17.15 -15.27
CA LEU C 110 27.17 15.87 -14.63
C LEU C 110 25.68 15.57 -14.40
N PHE C 111 24.92 16.59 -14.01
CA PHE C 111 23.57 16.35 -13.56
C PHE C 111 22.72 15.90 -14.75
N LEU C 112 23.06 16.30 -15.97
CA LEU C 112 22.27 15.87 -17.12
C LEU C 112 22.66 14.44 -17.52
N TYR C 113 23.93 14.09 -17.34
CA TYR C 113 24.37 12.71 -17.48
C TYR C 113 23.58 11.78 -16.52
N LEU C 114 23.48 12.14 -15.24
CA LEU C 114 22.80 11.34 -14.23
C LEU C 114 21.29 11.23 -14.46
N ASN C 115 20.67 12.31 -14.95
CA ASN C 115 19.23 12.25 -15.27
C ASN C 115 18.91 11.23 -16.42
N ARG C 116 19.86 10.99 -17.34
CA ARG C 116 19.57 10.25 -18.54
C ARG C 116 20.13 8.81 -18.49
N TYR C 117 21.17 8.59 -17.68
CA TYR C 117 21.77 7.32 -17.51
C TYR C 117 21.39 6.63 -16.16
N GLY C 118 20.49 7.24 -15.39
CA GLY C 118 20.17 6.77 -14.06
C GLY C 118 18.79 6.14 -13.96
N TYR C 119 18.66 5.23 -13.00
CA TYR C 119 17.40 4.54 -12.67
C TYR C 119 16.12 5.35 -12.85
N ASN C 120 15.37 5.09 -13.92
CA ASN C 120 14.06 5.73 -14.19
C ASN C 120 14.07 7.24 -14.26
N GLY C 121 15.24 7.78 -14.53
CA GLY C 121 15.43 9.23 -14.53
C GLY C 121 15.03 9.93 -13.22
N LEU C 122 15.25 9.30 -12.07
CA LEU C 122 14.86 9.92 -10.81
C LEU C 122 15.90 10.95 -10.37
N CYS C 123 15.46 11.91 -9.56
CA CYS C 123 16.36 12.77 -8.83
C CYS C 123 16.19 12.58 -7.31
N ARG C 124 17.15 12.00 -6.61
CA ARG C 124 16.92 11.77 -5.15
C ARG C 124 18.18 11.98 -4.40
N TYR C 125 18.01 12.12 -3.09
CA TYR C 125 19.18 12.45 -2.22
C TYR C 125 19.08 11.67 -0.92
N ASN C 126 20.18 11.06 -0.50
CA ASN C 126 20.21 10.44 0.85
C ASN C 126 20.19 11.56 1.91
N LEU C 127 20.24 11.15 3.17
CA LEU C 127 20.10 12.03 4.30
C LEU C 127 21.30 13.00 4.51
N ARG C 128 22.40 12.75 3.80
CA ARG C 128 23.53 13.64 3.80
C ARG C 128 23.51 14.59 2.64
N GLY C 129 22.39 14.80 1.96
CA GLY C 129 22.40 15.59 0.75
C GLY C 129 23.11 15.04 -0.50
N GLU C 130 23.56 13.80 -0.51
CA GLU C 130 24.17 13.28 -1.76
C GLU C 130 23.18 12.67 -2.76
N PHE C 131 23.32 13.07 -4.02
CA PHE C 131 22.60 12.35 -5.08
C PHE C 131 22.86 10.82 -4.98
N ASN C 132 21.81 10.01 -4.86
CA ASN C 132 21.96 8.54 -4.62
C ASN C 132 21.12 7.65 -5.54
N VAL C 133 20.78 8.12 -6.75
CA VAL C 133 20.10 7.26 -7.72
C VAL C 133 21.12 6.31 -8.34
N PRO C 134 20.84 5.01 -8.36
CA PRO C 134 21.82 4.08 -9.01
C PRO C 134 21.77 4.01 -10.57
N PHE C 135 22.69 3.21 -11.16
CA PHE C 135 22.82 3.02 -12.60
C PHE C 135 21.54 2.48 -13.22
N GLY C 136 21.13 3.04 -14.36
CA GLY C 136 19.82 2.75 -14.95
C GLY C 136 19.79 1.69 -16.05
N ARG C 137 20.95 1.25 -16.50
CA ARG C 137 21.04 0.10 -17.42
C ARG C 137 20.22 0.32 -18.73
N TYR C 138 20.27 1.53 -19.28
CA TYR C 138 19.62 1.81 -20.55
C TYR C 138 20.52 1.40 -21.72
N LYS C 139 19.90 0.81 -22.75
CA LYS C 139 20.56 0.50 -24.05
C LYS C 139 21.10 1.78 -24.72
N LYS C 140 20.26 2.78 -24.92
CA LYS C 140 20.74 3.93 -25.72
C LYS C 140 20.19 5.29 -25.24
N PRO C 141 20.91 5.96 -24.32
CA PRO C 141 20.38 7.24 -23.82
C PRO C 141 20.49 8.32 -24.88
N TYR C 142 19.36 9.03 -25.04
CA TYR C 142 19.24 10.15 -25.93
C TYR C 142 19.92 11.41 -25.34
N PHE C 143 20.78 12.05 -26.13
CA PHE C 143 21.27 13.39 -25.86
C PHE C 143 20.33 14.44 -26.44
N PRO C 144 19.70 15.26 -25.60
CA PRO C 144 18.66 16.15 -26.08
C PRO C 144 19.16 17.51 -26.55
N GLU C 145 20.00 17.50 -27.58
CA GLU C 145 20.44 18.71 -28.26
C GLU C 145 19.31 19.70 -28.61
N ALA C 146 18.34 19.26 -29.43
CA ALA C 146 17.31 20.19 -29.92
C ALA C 146 16.62 20.87 -28.73
N GLU C 147 16.26 20.09 -27.72
CA GLU C 147 15.53 20.59 -26.53
C GLU C 147 16.38 21.57 -25.69
N LEU C 148 17.65 21.25 -25.51
CA LEU C 148 18.54 22.16 -24.89
C LEU C 148 18.52 23.54 -25.56
N TYR C 149 18.56 23.58 -26.90
CA TYR C 149 18.63 24.86 -27.63
C TYR C 149 17.29 25.59 -27.51
N HIS C 150 16.20 24.85 -27.74
CA HIS C 150 14.89 25.44 -27.60
C HIS C 150 14.61 26.09 -26.21
N PHE C 151 15.09 25.46 -25.14
CA PHE C 151 14.88 25.90 -23.76
C PHE C 151 15.70 27.17 -23.52
N ALA C 152 16.97 27.17 -23.96
CA ALA C 152 17.82 28.37 -23.87
C ALA C 152 17.22 29.64 -24.57
N GLU C 153 16.68 29.43 -25.77
CA GLU C 153 16.08 30.48 -26.58
C GLU C 153 14.92 31.03 -25.78
N LYS C 154 14.09 30.09 -25.33
CA LYS C 154 12.90 30.42 -24.59
C LYS C 154 13.26 31.05 -23.22
N ALA C 155 14.42 30.72 -22.64
CA ALA C 155 14.81 31.26 -21.33
C ALA C 155 15.18 32.74 -21.35
N GLN C 156 15.46 33.25 -22.56
CA GLN C 156 15.84 34.65 -22.74
C GLN C 156 14.72 35.56 -22.24
N ASN C 157 13.48 35.03 -22.23
CA ASN C 157 12.39 35.73 -21.58
C ASN C 157 11.97 35.25 -20.16
N ALA C 158 12.89 34.66 -19.38
CA ALA C 158 12.54 34.10 -18.08
C ALA C 158 13.54 34.41 -16.98
N PHE C 159 13.07 34.61 -15.75
CA PHE C 159 13.94 34.52 -14.58
C PHE C 159 13.71 33.20 -13.78
N PHE C 160 14.77 32.61 -13.29
CA PHE C 160 14.71 31.41 -12.50
C PHE C 160 15.12 31.73 -11.06
N TYR C 161 14.25 31.38 -10.10
CA TYR C 161 14.64 31.52 -8.69
C TYR C 161 14.59 30.15 -7.99
N CYS C 162 15.40 30.00 -6.93
CA CYS C 162 15.39 28.82 -6.12
C CYS C 162 14.79 29.22 -4.79
N GLU C 163 13.50 29.00 -4.62
CA GLU C 163 12.84 29.42 -3.40
C GLU C 163 11.52 28.65 -3.25
N SER C 164 10.84 28.87 -2.14
CA SER C 164 9.66 28.09 -1.82
C SER C 164 8.44 28.72 -2.46
N TYR C 165 7.39 27.93 -2.73
CA TYR C 165 6.20 28.39 -3.44
C TYR C 165 5.67 29.74 -2.86
N ALA C 166 5.66 29.92 -1.56
CA ALA C 166 5.21 31.21 -1.01
C ALA C 166 5.97 32.46 -1.53
N ASP C 167 7.31 32.41 -1.54
CA ASP C 167 8.11 33.52 -2.06
C ASP C 167 7.90 33.73 -3.54
N SER C 168 7.88 32.70 -4.39
CA SER C 168 7.66 33.04 -5.81
C SER C 168 6.22 33.46 -6.12
N MET C 169 5.24 33.06 -5.33
CA MET C 169 3.89 33.51 -5.65
C MET C 169 3.73 35.00 -5.24
N ALA C 170 4.42 35.37 -4.17
CA ALA C 170 4.50 36.82 -3.83
C ALA C 170 5.08 37.69 -4.99
N ARG C 171 5.86 37.12 -5.88
CA ARG C 171 6.37 37.92 -6.97
C ARG C 171 5.34 38.29 -8.02
N ALA C 172 4.20 37.64 -8.02
CA ALA C 172 3.25 37.86 -9.11
C ALA C 172 2.49 39.20 -8.91
N ASP C 173 1.99 39.77 -10.02
CA ASP C 173 1.30 41.09 -10.04
C ASP C 173 0.09 41.16 -10.99
N ASP C 174 -0.38 42.39 -11.23
CA ASP C 174 -1.64 42.64 -11.97
C ASP C 174 -1.65 42.05 -13.36
N ALA C 175 -0.50 41.97 -13.97
CA ALA C 175 -0.42 41.39 -15.32
C ALA C 175 0.13 39.93 -15.33
N SER C 176 0.01 39.22 -14.20
CA SER C 176 0.55 37.86 -14.09
C SER C 176 -0.55 36.84 -14.08
N VAL C 177 -0.23 35.61 -14.50
CA VAL C 177 -1.11 34.47 -14.29
C VAL C 177 -0.23 33.51 -13.55
N VAL C 178 -0.77 32.77 -12.58
CA VAL C 178 -0.01 31.71 -11.87
C VAL C 178 -0.50 30.29 -12.12
N TYR C 179 0.44 29.44 -12.53
CA TYR C 179 0.17 27.98 -12.68
C TYR C 179 1.00 27.16 -11.70
N CYS C 180 0.27 26.49 -10.79
CA CYS C 180 0.86 25.64 -9.77
C CYS C 180 0.73 24.11 -10.06
N ASP C 181 1.85 23.41 -10.06
CA ASP C 181 1.86 21.95 -10.25
C ASP C 181 2.55 21.33 -9.01
N PRO C 182 1.89 21.37 -7.85
CA PRO C 182 2.56 20.94 -6.60
C PRO C 182 2.86 19.42 -6.62
N PRO C 183 3.73 18.91 -5.73
CA PRO C 183 3.82 17.40 -5.61
C PRO C 183 2.44 16.83 -5.28
N TYR C 184 2.08 15.72 -5.93
CA TYR C 184 0.74 15.18 -5.82
C TYR C 184 0.30 14.95 -4.37
N ALA C 185 -0.93 15.34 -4.06
CA ALA C 185 -1.63 14.85 -2.90
C ALA C 185 -1.53 13.29 -2.75
N PRO C 186 -1.47 12.78 -1.49
CA PRO C 186 -1.50 11.28 -1.26
C PRO C 186 -2.75 10.53 -1.82
N LEU C 187 -2.54 9.31 -2.27
CA LEU C 187 -3.57 8.61 -3.05
C LEU C 187 -4.34 7.47 -2.32
N ASN C 199 12.42 14.69 4.12
CA ASN C 199 11.11 15.29 4.25
C ASN C 199 10.56 15.95 2.94
N SER C 200 9.31 15.58 2.62
CA SER C 200 8.64 15.98 1.42
C SER C 200 7.56 17.04 1.73
N PHE C 201 6.59 17.12 0.84
CA PHE C 201 5.63 18.20 0.79
C PHE C 201 4.46 17.85 1.68
N THR C 202 4.12 18.70 2.64
CA THR C 202 3.15 18.25 3.64
C THR C 202 1.72 18.67 3.33
N LEU C 203 0.77 18.00 4.01
CA LEU C 203 -0.59 18.46 3.93
C LEU C 203 -0.76 19.90 4.35
N GLU C 204 -0.09 20.35 5.41
CA GLU C 204 -0.23 21.77 5.77
C GLU C 204 0.18 22.66 4.61
N GLN C 205 1.12 22.19 3.83
CA GLN C 205 1.62 23.03 2.78
C GLN C 205 0.66 23.06 1.59
N GLN C 206 0.03 21.91 1.30
CA GLN C 206 -0.92 21.74 0.19
C GLN C 206 -2.09 22.71 0.46
N ALA C 207 -2.47 22.86 1.75
CA ALA C 207 -3.65 23.66 2.08
C ALA C 207 -3.20 25.10 2.09
N HIS C 208 -1.97 25.29 2.54
CA HIS C 208 -1.38 26.60 2.49
C HIS C 208 -1.40 27.08 1.04
N LEU C 209 -1.01 26.21 0.10
CA LEU C 209 -0.96 26.64 -1.32
C LEU C 209 -2.34 27.14 -1.76
N ALA C 210 -3.42 26.47 -1.32
CA ALA C 210 -4.80 26.96 -1.64
C ALA C 210 -5.09 28.36 -1.06
N GLU C 211 -4.67 28.60 0.16
CA GLU C 211 -4.78 29.93 0.74
C GLU C 211 -4.12 31.00 -0.10
N ILE C 212 -2.85 30.83 -0.43
CA ILE C 212 -2.20 31.91 -1.18
C ILE C 212 -3.00 32.27 -2.45
N ALA C 213 -3.56 31.21 -3.07
CA ALA C 213 -4.33 31.37 -4.30
C ALA C 213 -5.59 32.22 -4.01
N GLU C 214 -6.26 31.98 -2.89
CA GLU C 214 -7.43 32.76 -2.54
C GLU C 214 -7.07 34.21 -2.38
N GLY C 215 -5.96 34.44 -1.70
CA GLY C 215 -5.38 35.77 -1.63
C GLY C 215 -5.08 36.36 -2.99
N LEU C 216 -4.50 35.56 -3.90
CA LEU C 216 -4.15 36.14 -5.21
C LEU C 216 -5.34 36.47 -6.05
N VAL C 217 -6.41 35.68 -5.98
CA VAL C 217 -7.54 36.02 -6.88
C VAL C 217 -8.29 37.25 -6.37
N GLU C 218 -8.31 37.42 -5.06
CA GLU C 218 -8.90 38.57 -4.43
C GLU C 218 -8.28 39.80 -5.07
N ARG C 219 -7.02 39.74 -5.42
CA ARG C 219 -6.36 40.88 -6.04
C ARG C 219 -6.35 40.79 -7.55
N HIS C 220 -7.30 40.04 -8.13
CA HIS C 220 -7.42 39.91 -9.61
C HIS C 220 -6.20 39.26 -10.28
N ILE C 221 -5.42 38.48 -9.53
CA ILE C 221 -4.41 37.63 -10.13
C ILE C 221 -5.03 36.23 -10.33
N PRO C 222 -5.15 35.78 -11.59
CA PRO C 222 -5.72 34.41 -11.72
C PRO C 222 -4.70 33.29 -11.38
N VAL C 223 -5.20 32.16 -10.91
CA VAL C 223 -4.35 31.07 -10.50
C VAL C 223 -4.96 29.76 -10.99
N LEU C 224 -4.15 28.87 -11.54
CA LEU C 224 -4.66 27.55 -11.90
C LEU C 224 -3.80 26.45 -11.20
N ILE C 225 -4.41 25.48 -10.54
CA ILE C 225 -3.62 24.43 -9.84
C ILE C 225 -3.99 23.05 -10.36
N SER C 226 -3.02 22.16 -10.62
CA SER C 226 -3.38 20.79 -11.07
C SER C 226 -3.06 19.87 -9.93
N ASN C 227 -3.65 18.66 -9.91
CA ASN C 227 -3.48 17.69 -8.84
C ASN C 227 -4.43 16.45 -9.03
N HIS C 228 -4.21 15.37 -8.29
CA HIS C 228 -5.16 14.27 -8.33
C HIS C 228 -6.52 14.74 -7.82
N ASP C 229 -7.56 13.95 -8.15
CA ASP C 229 -8.94 14.27 -7.72
C ASP C 229 -9.21 13.37 -6.53
N THR C 230 -9.36 13.95 -5.34
CA THR C 230 -9.43 13.18 -4.10
C THR C 230 -10.25 13.99 -3.13
N MET C 231 -10.56 13.36 -2.01
CA MET C 231 -11.30 14.04 -1.00
C MET C 231 -10.53 15.28 -0.50
N LEU C 232 -9.21 15.16 -0.33
CA LEU C 232 -8.43 16.27 0.21
C LEU C 232 -8.29 17.40 -0.82
N THR C 233 -8.11 17.05 -2.09
CA THR C 233 -8.03 18.11 -3.10
C THR C 233 -9.31 18.92 -3.31
N ARG C 234 -10.48 18.27 -3.25
CA ARG C 234 -11.72 19.05 -3.37
C ARG C 234 -11.99 19.87 -2.14
N GLU C 235 -11.58 19.36 -0.97
CA GLU C 235 -11.57 20.20 0.22
C GLU C 235 -10.69 21.46 0.05
N TRP C 236 -9.40 21.30 -0.23
CA TRP C 236 -8.54 22.47 -0.26
C TRP C 236 -9.01 23.44 -1.33
N TYR C 237 -9.34 22.98 -2.53
CA TYR C 237 -9.69 23.97 -3.61
C TYR C 237 -11.22 24.27 -3.73
N GLN C 238 -11.93 24.18 -2.63
CA GLN C 238 -13.37 24.19 -2.64
C GLN C 238 -13.96 25.48 -3.18
N ARG C 239 -13.11 26.47 -3.39
CA ARG C 239 -13.64 27.71 -3.82
C ARG C 239 -13.07 28.16 -5.17
N ALA C 240 -12.35 27.26 -5.82
CA ALA C 240 -12.00 27.47 -7.23
C ALA C 240 -13.20 26.94 -8.03
N LYS C 241 -13.23 27.22 -9.33
CA LYS C 241 -14.14 26.49 -10.20
C LYS C 241 -13.40 25.19 -10.53
N LEU C 242 -14.04 24.05 -10.36
CA LEU C 242 -13.37 22.77 -10.51
C LEU C 242 -13.57 22.04 -11.86
N HIS C 243 -12.57 21.29 -12.31
CA HIS C 243 -12.67 20.64 -13.61
C HIS C 243 -11.99 19.29 -13.55
N VAL C 244 -12.74 18.20 -13.60
CA VAL C 244 -12.17 16.85 -13.59
C VAL C 244 -11.77 16.47 -15.00
N VAL C 245 -10.59 15.87 -15.17
CA VAL C 245 -10.13 15.39 -16.46
C VAL C 245 -9.81 13.91 -16.33
N LYS C 246 -10.48 13.14 -17.19
CA LYS C 246 -10.35 11.68 -17.21
C LYS C 246 -9.01 11.15 -17.73
N VAL C 247 -8.57 10.02 -17.17
CA VAL C 247 -7.43 9.26 -17.73
C VAL C 247 -7.14 7.96 -16.95
N VAL C 261 -5.71 7.31 -12.49
CA VAL C 261 -6.82 7.86 -11.68
C VAL C 261 -7.13 9.29 -12.16
N ASP C 262 -8.17 9.94 -11.65
CA ASP C 262 -8.56 11.20 -12.27
C ASP C 262 -7.67 12.38 -11.83
N GLU C 263 -7.55 13.37 -12.72
CA GLU C 263 -6.83 14.60 -12.46
C GLU C 263 -7.81 15.73 -12.26
N LEU C 264 -7.43 16.69 -11.42
CA LEU C 264 -8.30 17.80 -11.05
C LEU C 264 -7.61 19.13 -11.41
N LEU C 265 -8.31 20.03 -12.12
CA LEU C 265 -7.80 21.38 -12.40
C LEU C 265 -8.65 22.40 -11.66
N ALA C 266 -8.01 23.26 -10.87
CA ALA C 266 -8.75 24.23 -10.08
C ALA C 266 -8.48 25.64 -10.55
N LEU C 267 -9.50 26.35 -11.01
CA LEU C 267 -9.26 27.70 -11.55
C LEU C 267 -9.77 28.73 -10.60
N TYR C 268 -8.91 29.64 -10.16
CA TYR C 268 -9.33 30.81 -9.37
C TYR C 268 -9.32 32.07 -10.30
N LYS C 269 -10.51 32.40 -10.82
CA LYS C 269 -10.73 33.37 -11.90
C LYS C 269 -11.41 34.57 -11.34
N PRO C 270 -10.76 35.74 -11.38
CA PRO C 270 -11.52 36.94 -10.94
C PRO C 270 -12.56 37.31 -12.01
N SA8 D . -17.80 -4.26 7.02
CA SA8 D . -18.09 -2.95 6.48
C SA8 D . -16.84 -2.04 6.44
O SA8 D . -16.81 -1.01 5.67
OXT SA8 D . -15.85 -2.29 7.19
CB SA8 D . -19.25 -2.32 7.23
CG SA8 D . -19.10 -1.99 8.73
ND SA8 D . -20.06 -1.07 9.40
CE SA8 D . -20.30 0.06 8.51
C5' SA8 D . -19.39 -0.58 10.63
C4' SA8 D . -20.15 0.20 11.55
O4' SA8 D . -19.66 0.00 12.89
C3' SA8 D . -20.09 1.68 11.29
O3' SA8 D . -21.35 2.19 11.23
C2' SA8 D . -19.46 2.30 12.47
O2' SA8 D . -20.09 3.50 12.73
C1' SA8 D . -19.66 1.25 13.52
N9 SA8 D . -18.67 1.15 14.62
C8 SA8 D . -17.35 1.43 14.60
N7 SA8 D . -16.83 1.21 15.82
C5 SA8 D . -17.82 0.76 16.61
C6 SA8 D . -17.86 0.37 17.95
N6 SA8 D . -16.68 0.39 18.72
N1 SA8 D . -19.05 -0.03 18.46
C2 SA8 D . -20.19 -0.04 17.71
N3 SA8 D . -20.20 0.34 16.45
C4 SA8 D . -19.03 0.72 15.86
N SA8 E . 13.35 -14.38 -1.24
CA SA8 E . 12.69 -15.12 -0.18
C SA8 E . 11.46 -14.33 0.31
O SA8 E . 10.27 -14.79 0.19
OXT SA8 E . 11.59 -13.21 0.84
CB SA8 E . 13.72 -15.26 0.93
CG SA8 E . 14.29 -16.62 1.37
ND SA8 E . 14.01 -17.14 2.75
CE SA8 E . 12.61 -17.45 2.97
C5' SA8 E . 14.63 -16.31 3.79
C4' SA8 E . 15.17 -17.08 4.89
O4' SA8 E . 16.24 -16.38 5.59
C3' SA8 E . 14.10 -17.41 5.87
O3' SA8 E . 13.98 -18.77 5.98
C2' SA8 E . 14.46 -16.77 7.14
O2' SA8 E . 14.12 -17.58 8.20
C1' SA8 E . 15.92 -16.57 6.95
N9 SA8 E . 16.49 -15.44 7.68
C8 SA8 E . 15.87 -14.32 8.14
N7 SA8 E . 16.82 -13.57 8.74
C5 SA8 E . 18.02 -14.21 8.66
C6 SA8 E . 19.30 -13.92 9.10
N6 SA8 E . 19.42 -12.69 9.80
N1 SA8 E . 20.34 -14.79 8.88
C2 SA8 E . 20.13 -15.98 8.24
N3 SA8 E . 18.88 -16.31 7.80
C4 SA8 E . 17.82 -15.44 7.97
N SA8 F . 2.60 16.80 -9.77
CA SA8 F . 3.82 16.19 -10.20
C SA8 F . 4.19 15.06 -9.28
O SA8 F . 3.95 15.09 -8.05
OXT SA8 F . 4.78 14.08 -9.76
CB SA8 F . 4.91 17.21 -10.42
CG SA8 F . 5.37 18.14 -9.31
ND SA8 F . 6.61 18.88 -9.53
CE SA8 F . 7.51 17.87 -9.92
C5' SA8 F . 7.06 19.41 -8.26
C4' SA8 F . 8.18 20.29 -8.20
O4' SA8 F . 8.01 20.91 -6.95
C3' SA8 F . 9.41 19.53 -8.03
O3' SA8 F . 10.33 19.93 -8.91
C2' SA8 F . 9.91 19.80 -6.71
O2' SA8 F . 11.25 19.87 -6.81
C1' SA8 F . 9.26 21.08 -6.40
N9 SA8 F . 9.00 21.41 -5.00
C8 SA8 F . 8.80 20.59 -3.99
N7 SA8 F . 8.55 21.29 -2.91
C5 SA8 F . 8.59 22.55 -3.23
C6 SA8 F . 8.40 23.70 -2.51
N6 SA8 F . 8.12 23.60 -1.14
N1 SA8 F . 8.49 24.86 -3.09
C2 SA8 F . 8.75 24.92 -4.38
N3 SA8 F . 8.95 23.85 -5.12
C4 SA8 F . 8.87 22.65 -4.57
#